data_6WVP
#
_entry.id   6WVP
#
_cell.length_a   104.688
_cell.length_b   104.688
_cell.length_c   323.798
_cell.angle_alpha   90.000
_cell.angle_beta   90.000
_cell.angle_gamma   120.000
#
_symmetry.space_group_name_H-M   'P 31 2 1'
#
loop_
_entity.id
_entity.type
_entity.pdbx_description
1 polymer Acetylcholinesterase
2 branched alpha-L-fucopyranose-(1-6)-2-acetamido-2-deoxy-beta-D-glucopyranose
3 branched 2-acetamido-2-deoxy-beta-D-glucopyranose-(1-4)-[alpha-L-fucopyranose-(1-6)]2-acetamido-2-deoxy-beta-D-glucopyranose
4 non-polymer 2-acetamido-2-deoxy-beta-D-glucopyranose
5 non-polymer 'cyclohexyl (S)-methylphosphonofluoridoate'
6 non-polymer 2-(2-(2-(2-(2-(2-ETHOXYETHOXY)ETHOXY)ETHOXY)ETHOXY)ETHOXY)ETHANOL
7 water water
#
_entity_poly.entity_id   1
_entity_poly.type   'polypeptide(L)'
_entity_poly.pdbx_seq_one_letter_code
;GREDAELLVTVRGGRLRGIRLKTPGGPVSAFLGIPFAEPPMGPRRFLPPEPKQPWSGVVDATTFQSVCYQYVDTLYPGFE
GTEMWNPNRELSEDCLYLNVWTPYPRPTSPTPVLVWIYGGGFYSGASSLDVYDGRFLVQAERTVLVSMNYRVGAFGFLAL
PGSREAPGNVGLLDQRLALQWVQENVAAFGGDPTSVTLFGESAGAASVGMHLLSPPSRGLFHRAVLQSGAPNGPWATVGM
GEARRRATQLAHLVGCPPGGTGGNDTELVACLRTRPAQVLVNHEWHVLPQESVFRFSFVPVVDGDFLSDTPEALINAGDF
HGLQVLVGVVKDEGSYFLVYGAPGFSKDNESLISRAEFLAGVRVGVPQVSDLAAEAVVLHYTDWLHPEDPARLREALSDV
VGDHNVVCPVAQLAGRLAAQGARVYAYVFEHRASTLSWPLWMGVPHGYEIEFIFGIPLDPSRNYTAEEKIFAQRLMRYWA
NFARTGDPNEPRDPKAPQWPPYTAGAQQYVSLDLRPLEVRRGLRAQACAFWNRFLPKLLSAT
;
_entity_poly.pdbx_strand_id   A,B
#
# COMPACT_ATOMS: atom_id res chain seq x y z
N GLU A 3 35.81 -10.84 36.16
CA GLU A 3 34.62 -10.14 35.68
C GLU A 3 34.28 -8.94 36.58
N ASP A 4 33.63 -7.94 36.01
CA ASP A 4 33.25 -6.73 36.74
C ASP A 4 31.96 -6.95 37.53
N ALA A 5 32.02 -6.73 38.84
CA ALA A 5 30.86 -6.94 39.71
C ALA A 5 29.83 -5.82 39.55
N GLU A 6 30.29 -4.67 39.08
CA GLU A 6 29.40 -3.52 38.90
C GLU A 6 28.39 -3.75 37.79
N LEU A 7 28.73 -4.60 36.83
CA LEU A 7 27.87 -4.86 35.68
C LEU A 7 27.01 -6.11 35.90
N LEU A 8 27.01 -6.61 37.14
CA LEU A 8 26.18 -7.75 37.50
C LEU A 8 25.07 -7.32 38.44
N VAL A 9 23.82 -7.53 38.04
CA VAL A 9 22.67 -7.15 38.83
C VAL A 9 21.64 -8.28 38.87
N THR A 10 21.08 -8.52 40.06
CA THR A 10 19.99 -9.47 40.21
C THR A 10 18.67 -8.73 40.42
N VAL A 11 17.75 -8.90 39.48
CA VAL A 11 16.39 -8.37 39.64
C VAL A 11 15.47 -9.52 40.02
N ARG A 12 14.18 -9.23 40.17
CA ARG A 12 13.24 -10.23 40.66
C ARG A 12 13.13 -11.43 39.71
N GLY A 13 13.23 -11.17 38.42
CA GLY A 13 13.12 -12.22 37.42
C GLY A 13 14.37 -13.06 37.26
N GLY A 14 15.50 -12.54 37.75
CA GLY A 14 16.76 -13.24 37.63
C GLY A 14 17.96 -12.33 37.49
N ARG A 15 19.05 -12.89 36.97
CA ARG A 15 20.33 -12.17 36.91
C ARG A 15 20.55 -11.48 35.57
N LEU A 16 21.21 -10.32 35.62
CA LEU A 16 21.51 -9.53 34.43
C LEU A 16 23.00 -9.27 34.30
N ARG A 17 23.46 -9.10 33.06
CA ARG A 17 24.83 -8.68 32.80
C ARG A 17 24.84 -7.40 31.97
N GLY A 18 25.41 -6.33 32.53
CA GLY A 18 25.43 -5.05 31.85
C GLY A 18 26.71 -4.77 31.08
N ILE A 19 26.90 -3.51 30.72
CA ILE A 19 28.07 -3.09 29.96
C ILE A 19 28.51 -1.70 30.41
N ARG A 20 29.82 -1.48 30.47
CA ARG A 20 30.36 -0.17 30.80
C ARG A 20 30.41 0.70 29.55
N LEU A 21 29.89 1.92 29.66
CA LEU A 21 29.87 2.84 28.53
C LEU A 21 30.81 4.01 28.77
N LYS A 22 31.40 4.53 27.70
CA LYS A 22 32.29 5.68 27.79
C LYS A 22 31.53 6.99 27.59
N THR A 23 31.97 8.01 28.31
CA THR A 23 31.39 9.33 28.28
C THR A 23 32.51 10.33 28.52
N PRO A 24 32.45 11.50 27.87
CA PRO A 24 33.49 12.54 28.03
C PRO A 24 33.79 12.89 29.48
N GLY A 25 32.86 12.62 30.39
CA GLY A 25 33.04 12.93 31.80
C GLY A 25 33.20 11.73 32.71
N GLY A 26 33.46 10.56 32.12
CA GLY A 26 33.63 9.34 32.90
C GLY A 26 32.65 8.25 32.51
N PRO A 27 32.84 7.04 33.04
CA PRO A 27 32.02 5.88 32.67
C PRO A 27 30.62 5.89 33.30
N VAL A 28 29.69 5.18 32.67
CA VAL A 28 28.39 4.90 33.26
C VAL A 28 28.06 3.43 33.09
N SER A 29 27.13 2.92 33.89
CA SER A 29 26.69 1.53 33.77
C SER A 29 25.39 1.45 32.99
N ALA A 30 25.33 0.54 32.02
CA ALA A 30 24.13 0.35 31.23
C ALA A 30 23.73 -1.12 31.13
N PHE A 31 22.42 -1.38 31.18
CA PHE A 31 21.89 -2.73 31.06
C PHE A 31 20.79 -2.69 30.00
N LEU A 32 21.13 -2.98 28.76
CA LEU A 32 20.18 -2.75 27.68
C LEU A 32 19.43 -4.01 27.29
N GLY A 33 18.14 -3.86 26.96
CA GLY A 33 17.34 -4.99 26.53
C GLY A 33 16.93 -5.91 27.66
N ILE A 34 16.49 -5.33 28.78
CA ILE A 34 15.95 -6.10 29.89
C ILE A 34 14.48 -6.43 29.62
N PRO A 35 14.15 -7.73 29.53
CA PRO A 35 12.76 -8.13 29.31
C PRO A 35 11.88 -7.83 30.51
N PHE A 36 10.79 -7.09 30.32
CA PHE A 36 9.90 -6.79 31.43
C PHE A 36 8.51 -7.39 31.18
N ALA A 37 8.32 -7.96 30.00
CA ALA A 37 7.06 -8.62 29.68
C ALA A 37 7.29 -9.88 28.86
N GLU A 38 6.35 -10.82 28.93
CA GLU A 38 6.32 -11.94 28.00
C GLU A 38 6.09 -11.39 26.60
N PRO A 39 6.78 -11.96 25.60
CA PRO A 39 6.62 -11.53 24.21
C PRO A 39 5.16 -11.59 23.76
N PRO A 40 4.58 -10.44 23.40
CA PRO A 40 3.18 -10.37 23.00
C PRO A 40 2.97 -10.86 21.57
N MET A 41 3.24 -12.14 21.35
CA MET A 41 3.20 -12.71 20.00
C MET A 41 2.12 -13.77 19.87
N GLY A 42 1.74 -14.05 18.63
CA GLY A 42 0.74 -15.06 18.33
C GLY A 42 -0.60 -14.74 18.95
N PRO A 43 -1.07 -15.61 19.87
CA PRO A 43 -2.34 -15.41 20.56
C PRO A 43 -2.31 -14.22 21.51
N ARG A 44 -1.13 -13.69 21.81
CA ARG A 44 -1.00 -12.58 22.75
C ARG A 44 -0.98 -11.22 22.07
N ARG A 45 -1.07 -11.21 20.74
CA ARG A 45 -1.15 -9.96 20.00
C ARG A 45 -2.48 -9.26 20.33
N PHE A 46 -2.41 -7.93 20.51
CA PHE A 46 -3.53 -7.07 20.91
C PHE A 46 -3.93 -7.22 22.37
N LEU A 47 -3.30 -8.14 23.08
CA LEU A 47 -3.62 -8.39 24.48
C LEU A 47 -2.75 -7.55 25.43
N PRO A 48 -3.25 -7.30 26.65
CA PRO A 48 -2.43 -6.63 27.68
C PRO A 48 -1.15 -7.41 27.95
N PRO A 49 -0.07 -6.69 28.31
CA PRO A 49 1.20 -7.37 28.57
C PRO A 49 1.14 -8.24 29.82
N GLU A 50 1.79 -9.39 29.77
CA GLU A 50 1.93 -10.23 30.95
C GLU A 50 3.34 -10.09 31.49
N PRO A 51 3.50 -10.09 32.82
CA PRO A 51 4.82 -9.96 33.44
C PRO A 51 5.79 -11.02 32.95
N LYS A 52 7.04 -10.63 32.73
CA LYS A 52 8.07 -11.56 32.29
C LYS A 52 8.29 -12.64 33.35
N GLN A 53 8.18 -13.90 32.93
CA GLN A 53 8.42 -15.02 33.84
C GLN A 53 9.90 -15.11 34.18
N PRO A 54 10.21 -15.51 35.42
CA PRO A 54 11.59 -15.66 35.90
C PRO A 54 12.44 -16.56 34.99
N TRP A 55 13.72 -16.24 34.89
CA TRP A 55 14.65 -17.00 34.06
C TRP A 55 15.82 -17.50 34.88
N SER A 56 16.38 -18.63 34.46
CA SER A 56 17.63 -19.10 35.05
C SER A 56 18.80 -18.63 34.20
N GLY A 57 19.99 -18.61 34.78
CA GLY A 57 21.16 -18.13 34.07
C GLY A 57 21.23 -16.63 34.04
N VAL A 58 22.05 -16.09 33.15
CA VAL A 58 22.28 -14.65 33.08
C VAL A 58 21.83 -14.05 31.76
N VAL A 59 20.85 -13.15 31.83
CA VAL A 59 20.39 -12.44 30.64
C VAL A 59 21.45 -11.42 30.20
N ASP A 60 21.83 -11.50 28.93
CA ASP A 60 22.77 -10.55 28.35
C ASP A 60 22.10 -9.20 28.12
N ALA A 61 22.49 -8.22 28.92
CA ALA A 61 21.91 -6.88 28.81
C ALA A 61 22.96 -5.86 28.36
N THR A 62 23.62 -6.13 27.24
CA THR A 62 24.71 -5.29 26.78
C THR A 62 24.42 -4.58 25.46
N THR A 63 23.24 -4.85 24.90
CA THR A 63 22.85 -4.22 23.64
C THR A 63 21.35 -3.98 23.58
N PHE A 64 20.95 -2.97 22.82
CA PHE A 64 19.53 -2.66 22.63
C PHE A 64 18.81 -3.83 21.98
N GLN A 65 17.55 -4.03 22.36
CA GLN A 65 16.75 -5.09 21.77
C GLN A 65 15.93 -4.57 20.59
N SER A 66 15.14 -5.46 20.01
CA SER A 66 14.37 -5.15 18.81
C SER A 66 13.41 -3.99 18.98
N VAL A 67 13.17 -3.28 17.88
CA VAL A 67 12.20 -2.20 17.84
C VAL A 67 10.82 -2.78 17.56
N CYS A 68 9.80 -2.28 18.25
CA CYS A 68 8.44 -2.74 18.00
C CYS A 68 8.02 -2.45 16.57
N TYR A 69 7.27 -3.37 15.98
CA TYR A 69 6.86 -3.26 14.58
C TYR A 69 6.16 -1.93 14.30
N GLN A 70 6.64 -1.22 13.29
CA GLN A 70 6.11 0.10 12.99
C GLN A 70 6.39 0.51 11.55
N TYR A 71 5.63 1.49 11.08
CA TYR A 71 5.86 2.11 9.78
C TYR A 71 7.22 2.79 9.75
N VAL A 72 7.92 2.67 8.62
CA VAL A 72 9.20 3.32 8.45
C VAL A 72 9.09 4.44 7.42
N ASP A 73 9.47 5.65 7.83
CA ASP A 73 9.33 6.83 6.98
C ASP A 73 10.21 6.75 5.74
N THR A 74 9.61 6.95 4.57
CA THR A 74 10.33 6.87 3.30
C THR A 74 10.18 8.15 2.48
N LEU A 75 9.74 9.22 3.13
CA LEU A 75 9.49 10.49 2.45
C LEU A 75 10.77 11.09 1.85
N TYR A 76 11.80 11.22 2.68
CA TYR A 76 13.10 11.69 2.21
C TYR A 76 14.17 10.65 2.52
N PRO A 77 14.32 9.64 1.65
CA PRO A 77 15.26 8.54 1.84
C PRO A 77 16.71 9.01 2.01
N GLY A 78 17.31 8.72 3.17
CA GLY A 78 18.69 9.08 3.42
C GLY A 78 18.86 10.39 4.15
N PHE A 79 17.78 11.15 4.26
CA PHE A 79 17.80 12.45 4.92
C PHE A 79 17.86 12.30 6.44
N GLU A 80 18.90 12.87 7.05
CA GLU A 80 19.12 12.77 8.49
C GLU A 80 17.93 13.22 9.33
N GLY A 81 17.26 14.28 8.87
CA GLY A 81 16.12 14.84 9.60
C GLY A 81 15.00 13.85 9.86
N THR A 82 14.87 12.85 8.99
CA THR A 82 13.85 11.84 9.16
C THR A 82 14.44 10.50 9.62
N GLU A 83 15.63 10.19 9.14
CA GLU A 83 16.26 8.90 9.45
C GLU A 83 16.60 8.76 10.93
N MET A 84 16.82 9.88 11.61
CA MET A 84 17.15 9.86 13.03
C MET A 84 15.99 9.34 13.87
N TRP A 85 14.79 9.36 13.32
CA TRP A 85 13.62 8.87 13.98
C TRP A 85 13.22 7.47 13.58
N ASN A 86 13.85 6.92 12.56
CA ASN A 86 13.57 5.58 12.07
C ASN A 86 14.22 4.50 12.93
N PRO A 87 13.62 3.29 12.92
CA PRO A 87 14.17 2.16 13.69
C PRO A 87 15.65 1.91 13.39
N ASN A 88 16.44 1.70 14.44
CA ASN A 88 17.86 1.43 14.28
C ASN A 88 18.21 0.04 14.78
N ARG A 89 17.18 -0.77 15.00
CA ARG A 89 17.33 -2.20 15.25
C ARG A 89 16.27 -2.94 14.45
N GLU A 90 16.38 -4.26 14.36
CA GLU A 90 15.42 -5.06 13.63
C GLU A 90 14.01 -4.92 14.22
N LEU A 91 13.00 -5.00 13.36
CA LEU A 91 11.62 -4.94 13.83
C LEU A 91 11.18 -6.30 14.36
N SER A 92 10.36 -6.28 15.40
CA SER A 92 9.83 -7.52 15.97
C SER A 92 8.67 -7.22 16.92
N GLU A 93 7.74 -8.16 17.05
CA GLU A 93 6.69 -8.05 18.05
C GLU A 93 7.26 -8.41 19.42
N ASP A 94 8.36 -9.17 19.41
CA ASP A 94 9.12 -9.44 20.61
C ASP A 94 10.01 -8.23 20.89
N CYS A 95 9.41 -7.21 21.50
CA CYS A 95 10.05 -5.90 21.59
C CYS A 95 9.89 -5.25 22.96
N LEU A 96 9.26 -5.94 23.90
CA LEU A 96 8.99 -5.36 25.19
C LEU A 96 10.19 -5.48 26.13
N TYR A 97 11.15 -4.59 25.93
CA TYR A 97 12.35 -4.55 26.76
C TYR A 97 12.56 -3.12 27.24
N LEU A 98 13.29 -2.96 28.34
CA LEU A 98 13.60 -1.63 28.85
C LEU A 98 15.08 -1.48 29.15
N ASN A 99 15.50 -0.24 29.41
CA ASN A 99 16.90 0.06 29.64
C ASN A 99 17.09 0.95 30.87
N VAL A 100 18.16 0.70 31.62
CA VAL A 100 18.51 1.46 32.82
C VAL A 100 19.94 2.00 32.67
N TRP A 101 20.13 3.30 32.83
CA TRP A 101 21.46 3.85 32.90
C TRP A 101 21.73 4.28 34.33
N THR A 102 22.87 3.90 34.89
CA THR A 102 23.23 4.28 36.25
C THR A 102 24.67 4.79 36.27
N PRO A 103 25.04 5.56 37.31
CA PRO A 103 26.44 5.99 37.45
C PRO A 103 27.38 4.81 37.65
N TYR A 104 28.63 4.97 37.20
CA TYR A 104 29.65 3.97 37.45
C TYR A 104 30.66 4.54 38.45
N PRO A 105 30.83 3.88 39.60
CA PRO A 105 30.20 2.59 39.94
C PRO A 105 28.75 2.78 40.38
N ARG A 106 27.97 1.71 40.38
CA ARG A 106 26.55 1.79 40.75
C ARG A 106 26.39 2.51 42.07
N PRO A 107 25.43 3.44 42.15
CA PRO A 107 25.19 4.20 43.38
C PRO A 107 24.88 3.28 44.54
N THR A 108 25.33 3.66 45.73
CA THR A 108 25.10 2.86 46.91
C THR A 108 24.04 3.50 47.79
N SER A 109 23.54 4.64 47.35
CA SER A 109 22.44 5.33 47.99
C SER A 109 21.37 5.70 46.96
N PRO A 110 20.09 5.71 47.36
CA PRO A 110 18.95 6.00 46.47
C PRO A 110 19.12 7.29 45.67
N THR A 111 19.16 7.17 44.35
CA THR A 111 19.24 8.32 43.47
C THR A 111 17.93 8.51 42.72
N PRO A 112 17.57 9.77 42.40
CA PRO A 112 16.33 10.07 41.69
C PRO A 112 16.25 9.39 40.33
N VAL A 113 15.07 8.89 39.97
CA VAL A 113 14.89 8.16 38.72
C VAL A 113 14.12 8.95 37.68
N LEU A 114 14.69 9.03 36.48
CA LEU A 114 14.02 9.61 35.31
C LEU A 114 13.56 8.48 34.40
N VAL A 115 12.31 8.54 33.97
CA VAL A 115 11.76 7.53 33.07
C VAL A 115 11.29 8.16 31.77
N TRP A 116 11.94 7.78 30.68
CA TRP A 116 11.66 8.36 29.36
C TRP A 116 10.63 7.54 28.59
N ILE A 117 9.64 8.24 28.04
CA ILE A 117 8.65 7.62 27.16
C ILE A 117 8.74 8.31 25.80
N TYR A 118 9.22 7.60 24.81
CA TYR A 118 9.36 8.16 23.48
C TYR A 118 8.07 8.53 22.78
N GLY A 119 8.18 9.53 21.95
CA GLY A 119 7.13 9.99 21.09
C GLY A 119 7.15 9.22 19.80
N GLY A 120 6.33 9.63 18.86
CA GLY A 120 6.23 8.97 17.60
C GLY A 120 4.83 8.81 17.11
N GLY A 121 3.92 9.57 17.69
CA GLY A 121 2.54 9.63 17.31
C GLY A 121 1.69 8.42 17.54
N PHE A 122 2.17 7.54 18.41
CA PHE A 122 1.62 6.25 18.79
C PHE A 122 1.78 5.18 17.70
N TYR A 123 2.49 5.46 16.63
CA TYR A 123 2.66 4.53 15.55
C TYR A 123 4.12 4.22 15.30
N SER A 124 5.00 4.86 16.03
CA SER A 124 6.43 4.69 15.84
C SER A 124 7.26 5.07 17.06
N GLY A 125 8.57 4.92 16.95
CA GLY A 125 9.46 5.26 18.04
C GLY A 125 10.16 4.06 18.62
N ALA A 126 11.28 4.32 19.30
CA ALA A 126 12.05 3.26 19.94
C ALA A 126 12.95 3.85 21.02
N SER A 127 13.21 3.08 22.07
CA SER A 127 14.06 3.54 23.15
C SER A 127 15.54 3.48 22.76
N SER A 128 15.82 2.88 21.60
CA SER A 128 17.19 2.65 21.18
C SER A 128 17.74 3.74 20.26
N LEU A 129 16.92 4.72 19.90
CA LEU A 129 17.38 5.81 19.04
C LEU A 129 18.54 6.57 19.69
N ASP A 130 19.51 6.98 18.87
CA ASP A 130 20.71 7.65 19.35
C ASP A 130 20.38 8.89 20.17
N VAL A 131 19.33 9.60 19.75
CA VAL A 131 18.95 10.85 20.37
C VAL A 131 18.39 10.64 21.80
N TYR A 132 18.08 9.39 22.14
CA TYR A 132 17.60 9.07 23.48
C TYR A 132 18.67 8.39 24.33
N ASP A 133 19.93 8.51 23.93
CA ASP A 133 21.04 7.91 24.68
C ASP A 133 21.16 8.57 26.06
N GLY A 134 20.90 7.78 27.10
CA GLY A 134 20.83 8.32 28.44
C GLY A 134 22.16 8.46 29.17
N ARG A 135 23.26 8.17 28.51
CA ARG A 135 24.56 8.13 29.17
C ARG A 135 25.05 9.48 29.67
N PHE A 136 24.65 10.55 28.98
CA PHE A 136 25.17 11.88 29.32
C PHE A 136 24.43 12.48 30.50
N LEU A 137 23.10 12.37 30.48
CA LEU A 137 22.27 12.85 31.58
C LEU A 137 22.70 12.20 32.89
N VAL A 138 22.92 10.90 32.84
CA VAL A 138 23.15 10.14 34.04
C VAL A 138 24.56 10.38 34.60
N GLN A 139 25.52 10.69 33.74
CA GLN A 139 26.87 11.00 34.23
C GLN A 139 26.91 12.42 34.78
N ALA A 140 26.35 13.36 34.03
CA ALA A 140 26.39 14.77 34.40
C ALA A 140 25.59 15.08 35.65
N GLU A 141 24.41 14.47 35.77
CA GLU A 141 23.48 14.85 36.82
C GLU A 141 23.28 13.75 37.86
N ARG A 142 23.99 12.64 37.69
CA ARG A 142 23.98 11.54 38.65
C ARG A 142 22.57 11.09 39.01
N THR A 143 21.83 10.67 37.98
CA THR A 143 20.50 10.12 38.17
C THR A 143 20.47 8.72 37.57
N VAL A 144 19.40 7.99 37.83
CA VAL A 144 19.17 6.73 37.13
C VAL A 144 18.13 6.95 36.05
N LEU A 145 18.47 6.62 34.81
CA LEU A 145 17.53 6.82 33.72
C LEU A 145 16.99 5.49 33.21
N VAL A 146 15.67 5.42 33.09
CA VAL A 146 15.01 4.24 32.55
C VAL A 146 14.21 4.61 31.30
N SER A 147 14.29 3.78 30.28
CA SER A 147 13.46 3.95 29.09
C SER A 147 12.93 2.59 28.66
N MET A 148 11.71 2.56 28.15
CA MET A 148 11.12 1.29 27.74
C MET A 148 10.59 1.36 26.31
N ASN A 149 10.52 0.20 25.67
CA ASN A 149 9.77 0.06 24.43
C ASN A 149 8.31 -0.27 24.74
N TYR A 150 7.41 0.28 23.95
CA TYR A 150 6.01 -0.07 24.08
C TYR A 150 5.41 -0.25 22.69
N ARG A 151 4.42 -1.13 22.58
CA ARG A 151 3.79 -1.42 21.30
C ARG A 151 3.12 -0.18 20.71
N VAL A 152 3.33 0.02 19.42
CA VAL A 152 2.75 1.15 18.71
C VAL A 152 1.89 0.65 17.56
N GLY A 153 1.23 1.58 16.88
CA GLY A 153 0.36 1.24 15.77
C GLY A 153 -0.76 0.33 16.23
N ALA A 154 -1.21 -0.55 15.33
CA ALA A 154 -2.29 -1.47 15.63
C ALA A 154 -1.93 -2.43 16.76
N PHE A 155 -0.64 -2.80 16.84
CA PHE A 155 -0.18 -3.73 17.86
C PHE A 155 -0.35 -3.16 19.26
N GLY A 156 -0.31 -1.84 19.35
CA GLY A 156 -0.42 -1.18 20.65
C GLY A 156 -1.79 -0.60 20.94
N PHE A 157 -2.53 -0.22 19.90
CA PHE A 157 -3.74 0.57 20.14
C PHE A 157 -4.93 0.25 19.23
N LEU A 158 -4.89 -0.87 18.52
CA LEU A 158 -6.08 -1.34 17.82
C LEU A 158 -7.12 -1.71 18.87
N ALA A 159 -8.34 -1.21 18.70
CA ALA A 159 -9.36 -1.41 19.72
C ALA A 159 -10.71 -1.79 19.14
N LEU A 160 -11.24 -2.92 19.62
CA LEU A 160 -12.65 -3.24 19.46
C LEU A 160 -13.29 -3.13 20.83
N PRO A 161 -13.67 -1.90 21.23
CA PRO A 161 -14.13 -1.57 22.58
C PRO A 161 -15.21 -2.52 23.09
N GLY A 162 -14.96 -3.13 24.24
CA GLY A 162 -15.89 -4.08 24.81
C GLY A 162 -15.43 -5.52 24.67
N SER A 163 -14.54 -5.76 23.71
CA SER A 163 -14.00 -7.10 23.49
C SER A 163 -12.79 -7.37 24.38
N ARG A 164 -12.58 -8.65 24.71
CA ARG A 164 -11.43 -9.07 25.48
C ARG A 164 -10.26 -9.46 24.58
N GLU A 165 -10.55 -9.62 23.30
CA GLU A 165 -9.53 -10.00 22.32
C GLU A 165 -8.72 -8.79 21.85
N ALA A 166 -9.34 -7.62 21.89
CA ALA A 166 -8.66 -6.38 21.49
C ALA A 166 -9.27 -5.17 22.21
N PRO A 167 -8.96 -5.01 23.50
CA PRO A 167 -9.56 -3.98 24.35
C PRO A 167 -9.01 -2.58 24.12
N GLY A 168 -7.83 -2.49 23.52
CA GLY A 168 -7.20 -1.21 23.27
C GLY A 168 -6.30 -0.78 24.42
N ASN A 169 -5.46 0.22 24.15
CA ASN A 169 -4.59 0.85 25.15
C ASN A 169 -3.53 -0.08 25.75
N VAL A 170 -3.24 -1.19 25.08
CA VAL A 170 -2.26 -2.14 25.63
C VAL A 170 -0.84 -1.57 25.56
N GLY A 171 -0.61 -0.65 24.62
CA GLY A 171 0.67 0.04 24.55
C GLY A 171 0.88 0.91 25.77
N LEU A 172 -0.21 1.49 26.27
CA LEU A 172 -0.18 2.26 27.52
C LEU A 172 0.06 1.33 28.70
N LEU A 173 -0.54 0.15 28.65
CA LEU A 173 -0.34 -0.85 29.69
C LEU A 173 1.10 -1.37 29.68
N ASP A 174 1.71 -1.40 28.49
CA ASP A 174 3.12 -1.75 28.37
C ASP A 174 3.96 -0.78 29.19
N GLN A 175 3.67 0.51 29.04
CA GLN A 175 4.36 1.56 29.78
C GLN A 175 4.13 1.40 31.29
N ARG A 176 2.88 1.11 31.67
CA ARG A 176 2.54 0.94 33.08
C ARG A 176 3.27 -0.24 33.70
N LEU A 177 3.34 -1.34 32.96
CA LEU A 177 4.06 -2.52 33.41
C LEU A 177 5.54 -2.19 33.63
N ALA A 178 6.10 -1.39 32.74
CA ALA A 178 7.48 -0.96 32.87
C ALA A 178 7.67 -0.10 34.12
N LEU A 179 6.67 0.73 34.40
CA LEU A 179 6.69 1.58 35.59
C LEU A 179 6.55 0.75 36.86
N GLN A 180 5.77 -0.33 36.77
CA GLN A 180 5.67 -1.27 37.88
C GLN A 180 6.98 -2.02 38.06
N TRP A 181 7.64 -2.31 36.95
CA TRP A 181 8.94 -2.99 36.98
C TRP A 181 9.96 -2.10 37.69
N VAL A 182 9.90 -0.80 37.42
CA VAL A 182 10.79 0.16 38.04
C VAL A 182 10.60 0.18 39.55
N GLN A 183 9.34 0.19 39.99
CA GLN A 183 9.03 0.17 41.41
C GLN A 183 9.64 -1.05 42.12
N GLU A 184 9.56 -2.20 41.45
CA GLU A 184 10.00 -3.45 42.06
C GLU A 184 11.51 -3.71 41.94
N ASN A 185 12.18 -3.07 40.97
CA ASN A 185 13.55 -3.46 40.67
C ASN A 185 14.60 -2.35 40.57
N VAL A 186 14.18 -1.09 40.52
CA VAL A 186 15.13 -0.01 40.25
C VAL A 186 16.11 0.19 41.41
N ALA A 187 15.73 -0.23 42.61
CA ALA A 187 16.59 -0.08 43.78
C ALA A 187 17.84 -0.93 43.66
N ALA A 188 17.73 -2.04 42.92
CA ALA A 188 18.86 -2.94 42.71
C ALA A 188 19.92 -2.29 41.81
N PHE A 189 19.57 -1.17 41.19
CA PHE A 189 20.51 -0.43 40.36
C PHE A 189 20.98 0.83 41.06
N GLY A 190 20.42 1.10 42.24
CA GLY A 190 20.78 2.27 43.01
C GLY A 190 19.74 3.37 42.91
N GLY A 191 18.66 3.08 42.19
CA GLY A 191 17.60 4.05 41.99
C GLY A 191 16.65 4.13 43.17
N ASP A 192 16.02 5.30 43.33
CA ASP A 192 15.04 5.49 44.38
C ASP A 192 13.62 5.44 43.81
N PRO A 193 12.90 4.34 44.09
CA PRO A 193 11.53 4.16 43.61
C PRO A 193 10.54 5.18 44.18
N THR A 194 10.94 5.90 45.22
CA THR A 194 10.08 6.92 45.82
C THR A 194 10.29 8.28 45.18
N SER A 195 11.19 8.34 44.20
CA SER A 195 11.44 9.57 43.45
C SER A 195 11.56 9.30 41.96
N VAL A 196 10.43 9.02 41.33
CA VAL A 196 10.40 8.73 39.90
C VAL A 196 9.77 9.87 39.11
N THR A 197 10.52 10.41 38.18
CA THR A 197 10.02 11.49 37.32
C THR A 197 9.77 10.98 35.90
N LEU A 198 8.52 11.03 35.48
CA LEU A 198 8.15 10.70 34.11
C LEU A 198 8.43 11.87 33.18
N PHE A 199 9.04 11.58 32.04
CA PHE A 199 9.18 12.60 31.01
C PHE A 199 9.13 11.98 29.62
N GLY A 200 8.48 12.70 28.70
CA GLY A 200 8.29 12.23 27.35
C GLY A 200 8.01 13.38 26.42
N GLU A 201 8.01 13.13 25.13
CA GLU A 201 7.78 14.14 24.10
C GLU A 201 6.78 13.69 22.99
N SER A 202 5.99 14.60 22.44
CA SER A 202 5.02 14.22 21.43
C SER A 202 4.10 13.18 22.06
N ALA A 203 3.90 12.07 21.39
CA ALA A 203 3.08 11.04 21.93
C ALA A 203 3.57 10.58 23.32
N GLY A 204 4.84 10.77 23.61
CA GLY A 204 5.42 10.40 24.89
C GLY A 204 4.88 11.30 25.97
N ALA A 205 4.78 12.59 25.66
CA ALA A 205 4.22 13.56 26.59
C ALA A 205 2.74 13.28 26.83
N ALA A 206 2.01 12.95 25.76
CA ALA A 206 0.61 12.59 25.88
C ALA A 206 0.45 11.34 26.74
N SER A 207 1.41 10.43 26.61
CA SER A 207 1.40 9.21 27.43
C SER A 207 1.58 9.56 28.90
N VAL A 208 2.53 10.45 29.17
CA VAL A 208 2.79 10.90 30.54
C VAL A 208 1.52 11.51 31.15
N GLY A 209 0.85 12.36 30.38
CA GLY A 209 -0.38 12.98 30.82
C GLY A 209 -1.48 11.98 31.13
N MET A 210 -1.54 10.91 30.33
CA MET A 210 -2.57 9.90 30.54
C MET A 210 -2.30 9.05 31.78
N HIS A 211 -1.02 8.86 32.10
CA HIS A 211 -0.65 8.20 33.34
C HIS A 211 -0.99 9.09 34.54
N LEU A 212 -0.94 10.40 34.33
CA LEU A 212 -1.36 11.36 35.35
C LEU A 212 -2.84 11.23 35.64
N LEU A 213 -3.62 10.95 34.61
CA LEU A 213 -5.07 10.94 34.71
C LEU A 213 -5.65 9.55 34.94
N SER A 214 -4.78 8.55 35.06
CA SER A 214 -5.23 7.19 35.34
C SER A 214 -4.71 6.73 36.69
N PRO A 215 -5.61 6.56 37.67
CA PRO A 215 -5.26 6.21 39.07
C PRO A 215 -4.31 5.02 39.24
N PRO A 216 -4.50 3.90 38.49
CA PRO A 216 -3.53 2.82 38.70
C PRO A 216 -2.10 3.17 38.30
N SER A 217 -1.93 4.16 37.42
CA SER A 217 -0.60 4.61 37.01
C SER A 217 -0.06 5.68 37.94
N ARG A 218 -0.97 6.41 38.58
CA ARG A 218 -0.62 7.61 39.34
C ARG A 218 0.31 7.31 40.52
N GLY A 219 0.22 6.11 41.08
CA GLY A 219 1.02 5.75 42.24
C GLY A 219 2.35 5.14 41.88
N LEU A 220 2.73 5.21 40.60
CA LEU A 220 3.95 4.60 40.12
C LEU A 220 5.04 5.64 39.83
N PHE A 221 4.69 6.91 39.98
CA PHE A 221 5.65 8.00 39.78
C PHE A 221 5.21 9.21 40.59
N HIS A 222 6.04 10.26 40.59
CA HIS A 222 5.81 11.37 41.51
C HIS A 222 5.85 12.74 40.83
N ARG A 223 6.65 12.86 39.78
CA ARG A 223 6.70 14.09 39.00
C ARG A 223 6.54 13.79 37.51
N ALA A 224 6.20 14.82 36.73
CA ALA A 224 5.95 14.63 35.32
C ALA A 224 6.51 15.78 34.48
N VAL A 225 7.11 15.43 33.35
CA VAL A 225 7.57 16.42 32.38
C VAL A 225 6.90 16.15 31.04
N LEU A 226 6.23 17.16 30.49
CA LEU A 226 5.51 16.97 29.24
C LEU A 226 6.09 17.88 28.15
N GLN A 227 6.79 17.26 27.21
CA GLN A 227 7.47 17.99 26.15
C GLN A 227 6.63 18.02 24.89
N SER A 228 6.12 19.18 24.52
CA SER A 228 5.39 19.33 23.27
C SER A 228 4.27 18.34 23.07
N GLY A 229 3.53 18.06 24.10
CA GLY A 229 2.44 17.15 23.98
C GLY A 229 1.53 17.16 25.16
N ALA A 230 0.32 16.70 24.96
CA ALA A 230 -0.64 16.67 26.01
C ALA A 230 -1.67 15.58 25.75
N PRO A 231 -2.22 15.01 26.80
CA PRO A 231 -3.23 13.95 26.58
C PRO A 231 -4.52 14.48 25.98
N ASN A 232 -4.73 15.79 26.04
CA ASN A 232 -5.96 16.39 25.52
C ASN A 232 -5.80 16.91 24.08
N GLY A 233 -4.69 16.59 23.44
CA GLY A 233 -4.51 16.92 22.04
C GLY A 233 -5.51 16.18 21.15
N PRO A 234 -6.02 16.85 20.12
CA PRO A 234 -7.04 16.30 19.20
C PRO A 234 -6.58 15.06 18.44
N TRP A 235 -5.31 14.72 18.56
CA TRP A 235 -4.77 13.52 17.93
C TRP A 235 -4.44 12.40 18.90
N ALA A 236 -4.40 12.71 20.17
CA ALA A 236 -3.86 11.79 21.17
C ALA A 236 -4.85 10.71 21.61
N THR A 237 -6.14 10.98 21.48
CA THR A 237 -7.17 10.00 21.83
C THR A 237 -8.17 9.85 20.70
N VAL A 238 -8.93 8.75 20.74
CA VAL A 238 -9.94 8.51 19.74
C VAL A 238 -11.22 7.96 20.41
N GLY A 239 -12.37 8.26 19.81
CA GLY A 239 -13.63 7.78 20.34
C GLY A 239 -13.79 6.28 20.15
N MET A 240 -14.62 5.66 20.97
CA MET A 240 -14.87 4.21 20.88
C MET A 240 -15.41 3.84 19.50
N GLY A 241 -16.40 4.59 19.04
CA GLY A 241 -17.03 4.33 17.76
C GLY A 241 -16.06 4.44 16.60
N GLU A 242 -15.24 5.50 16.62
CA GLU A 242 -14.26 5.70 15.56
C GLU A 242 -13.14 4.67 15.63
N ALA A 243 -12.78 4.25 16.84
CA ALA A 243 -11.76 3.23 17.03
C ALA A 243 -12.23 1.90 16.45
N ARG A 244 -13.49 1.57 16.69
CA ARG A 244 -14.08 0.35 16.16
C ARG A 244 -14.11 0.38 14.63
N ARG A 245 -14.46 1.54 14.08
CA ARG A 245 -14.51 1.70 12.64
C ARG A 245 -13.14 1.48 12.01
N ARG A 246 -12.11 2.05 12.64
CA ARG A 246 -10.75 1.93 12.13
C ARG A 246 -10.24 0.50 12.22
N ALA A 247 -10.52 -0.16 13.33
CA ALA A 247 -10.12 -1.56 13.52
C ALA A 247 -10.81 -2.45 12.50
N THR A 248 -12.09 -2.19 12.25
CA THR A 248 -12.87 -2.96 11.29
C THR A 248 -12.35 -2.72 9.87
N GLN A 249 -12.07 -1.46 9.55
CA GLN A 249 -11.54 -1.09 8.24
C GLN A 249 -10.20 -1.77 7.94
N LEU A 250 -9.34 -1.87 8.96
CA LEU A 250 -8.04 -2.50 8.78
C LEU A 250 -8.20 -3.99 8.46
N ALA A 251 -9.12 -4.65 9.16
CA ALA A 251 -9.39 -6.06 8.92
C ALA A 251 -9.83 -6.30 7.48
N HIS A 252 -10.72 -5.44 6.99
CA HIS A 252 -11.19 -5.50 5.61
C HIS A 252 -10.04 -5.33 4.64
N LEU A 253 -9.17 -4.36 4.90
CA LEU A 253 -8.05 -4.05 4.02
C LEU A 253 -7.02 -5.18 3.93
N VAL A 254 -7.00 -6.06 4.93
CA VAL A 254 -6.04 -7.15 4.95
C VAL A 254 -6.71 -8.50 4.72
N GLY A 255 -7.96 -8.47 4.27
CA GLY A 255 -8.66 -9.68 3.88
C GLY A 255 -9.37 -10.42 5.00
N CYS A 256 -9.59 -9.77 6.12
CA CYS A 256 -10.28 -10.39 7.24
C CYS A 256 -11.75 -10.08 7.13
N PRO A 257 -12.58 -10.87 7.78
CA PRO A 257 -14.02 -10.88 7.55
C PRO A 257 -14.87 -9.62 7.58
N PRO A 258 -14.77 -8.73 8.56
CA PRO A 258 -15.62 -7.54 8.36
C PRO A 258 -14.79 -6.29 8.06
N GLY A 263 -18.45 -11.58 11.47
CA GLY A 263 -19.33 -10.75 12.28
C GLY A 263 -18.82 -10.54 13.68
N ASN A 264 -18.40 -11.62 14.32
CA ASN A 264 -17.90 -11.57 15.70
C ASN A 264 -16.60 -10.78 15.84
N ASP A 265 -16.45 -10.09 16.96
CA ASP A 265 -15.18 -9.47 17.31
C ASP A 265 -14.11 -10.55 17.44
N THR A 266 -14.51 -11.67 18.03
CA THR A 266 -13.62 -12.81 18.21
C THR A 266 -13.03 -13.30 16.89
N GLU A 267 -13.90 -13.48 15.91
CA GLU A 267 -13.49 -13.96 14.59
C GLU A 267 -12.62 -12.95 13.86
N LEU A 268 -12.98 -11.68 13.99
CA LEU A 268 -12.24 -10.60 13.35
C LEU A 268 -10.80 -10.53 13.86
N VAL A 269 -10.64 -10.55 15.18
CA VAL A 269 -9.31 -10.48 15.79
C VAL A 269 -8.50 -11.73 15.48
N ALA A 270 -9.15 -12.88 15.53
CA ALA A 270 -8.49 -14.15 15.24
C ALA A 270 -7.88 -14.15 13.84
N CYS A 271 -8.61 -13.59 12.88
CA CYS A 271 -8.12 -13.46 11.52
C CYS A 271 -6.95 -12.48 11.47
N LEU A 272 -7.05 -11.40 12.22
CA LEU A 272 -5.98 -10.41 12.28
C LEU A 272 -4.70 -11.00 12.85
N ARG A 273 -4.85 -11.95 13.78
CA ARG A 273 -3.70 -12.55 14.43
C ARG A 273 -2.91 -13.48 13.50
N THR A 274 -3.56 -13.93 12.42
CA THR A 274 -2.91 -14.81 11.46
C THR A 274 -2.03 -14.03 10.48
N ARG A 275 -2.26 -12.73 10.41
CA ARG A 275 -1.53 -11.87 9.47
C ARG A 275 -0.15 -11.52 9.99
N PRO A 276 0.87 -11.57 9.11
CA PRO A 276 2.21 -11.10 9.45
C PRO A 276 2.18 -9.66 9.94
N ALA A 277 3.10 -9.29 10.82
CA ALA A 277 3.09 -7.95 11.40
C ALA A 277 3.20 -6.87 10.33
N GLN A 278 4.02 -7.13 9.32
CA GLN A 278 4.28 -6.14 8.28
C GLN A 278 3.04 -5.75 7.46
N VAL A 279 2.12 -6.69 7.26
CA VAL A 279 0.98 -6.41 6.40
C VAL A 279 -0.02 -5.48 7.11
N LEU A 280 -0.09 -5.56 8.44
CA LEU A 280 -0.91 -4.64 9.21
C LEU A 280 -0.33 -3.24 9.09
N VAL A 281 0.98 -3.15 9.21
CA VAL A 281 1.71 -1.89 9.07
C VAL A 281 1.49 -1.27 7.69
N ASN A 282 1.47 -2.10 6.66
CA ASN A 282 1.35 -1.62 5.29
C ASN A 282 0.02 -0.92 5.00
N HIS A 283 -1.00 -1.17 5.82
CA HIS A 283 -2.33 -0.62 5.58
C HIS A 283 -2.78 0.36 6.67
N GLU A 284 -1.84 0.75 7.53
CA GLU A 284 -2.18 1.51 8.74
C GLU A 284 -2.72 2.90 8.44
N TRP A 285 -1.99 3.65 7.61
CA TRP A 285 -2.40 5.00 7.30
C TRP A 285 -3.74 5.07 6.57
N HIS A 286 -4.15 3.98 5.93
CA HIS A 286 -5.28 4.07 5.03
C HIS A 286 -6.64 3.99 5.72
N VAL A 287 -6.63 3.80 7.03
CA VAL A 287 -7.86 3.70 7.79
C VAL A 287 -8.28 5.07 8.34
N LEU A 288 -7.46 6.09 8.11
CA LEU A 288 -7.83 7.45 8.52
C LEU A 288 -9.01 7.93 7.68
N PRO A 289 -9.95 8.65 8.30
CA PRO A 289 -11.20 9.07 7.65
C PRO A 289 -10.99 10.04 6.48
N GLN A 290 -9.98 10.89 6.54
CA GLN A 290 -9.71 11.82 5.45
C GLN A 290 -8.22 12.12 5.32
N GLU A 291 -7.84 12.77 4.23
CA GLU A 291 -6.47 13.25 4.10
C GLU A 291 -6.24 14.26 5.21
N SER A 292 -5.06 14.21 5.83
CA SER A 292 -4.81 15.02 7.01
C SER A 292 -3.34 15.10 7.38
N VAL A 293 -3.06 15.94 8.38
CA VAL A 293 -1.73 16.01 8.96
C VAL A 293 -1.87 15.96 10.48
N PHE A 294 -0.89 15.44 11.15
CA PHE A 294 -0.94 15.30 12.59
C PHE A 294 -2.09 14.44 13.03
N ARG A 295 -2.42 13.43 12.24
CA ARG A 295 -3.43 12.47 12.64
C ARG A 295 -2.87 11.07 12.49
N PHE A 296 -3.17 10.21 13.47
CA PHE A 296 -2.58 8.88 13.49
C PHE A 296 -3.66 7.84 13.74
N SER A 297 -3.53 6.71 13.06
CA SER A 297 -4.61 5.73 12.97
C SER A 297 -4.98 5.09 14.30
N PHE A 298 -3.98 4.58 15.02
CA PHE A 298 -4.26 3.86 16.26
C PHE A 298 -3.63 4.55 17.46
N VAL A 299 -4.48 5.20 18.25
CA VAL A 299 -4.08 5.98 19.40
C VAL A 299 -4.89 5.52 20.61
N PRO A 300 -4.54 5.98 21.83
CA PRO A 300 -5.36 5.63 23.00
C PRO A 300 -6.85 5.88 22.81
N VAL A 301 -7.67 4.97 23.35
CA VAL A 301 -9.11 5.09 23.25
C VAL A 301 -9.74 5.38 24.63
N VAL A 302 -10.69 6.29 24.64
CA VAL A 302 -11.45 6.58 25.86
C VAL A 302 -12.63 5.62 25.95
N ASP A 303 -12.53 4.62 26.81
CA ASP A 303 -13.54 3.58 26.90
C ASP A 303 -14.03 3.36 28.33
N GLY A 304 -13.65 4.24 29.23
CA GLY A 304 -14.03 4.14 30.60
C GLY A 304 -13.13 3.29 31.47
N ASP A 305 -12.09 2.70 30.89
CA ASP A 305 -11.22 1.87 31.65
C ASP A 305 -9.92 2.55 31.98
N PHE A 306 -8.97 2.62 31.07
CA PHE A 306 -7.73 3.31 31.34
C PHE A 306 -8.03 4.76 31.60
N LEU A 307 -8.87 5.36 30.80
CA LEU A 307 -9.34 6.70 31.04
C LEU A 307 -10.82 6.57 31.27
N SER A 308 -11.28 6.98 32.42
CA SER A 308 -12.69 6.89 32.81
C SER A 308 -13.53 7.98 32.16
N ASP A 309 -12.86 8.97 31.57
CA ASP A 309 -13.52 10.04 30.85
C ASP A 309 -12.52 10.63 29.86
N THR A 310 -12.95 11.58 29.04
CA THR A 310 -12.02 12.28 28.15
C THR A 310 -10.94 12.97 28.99
N PRO A 311 -9.72 13.08 28.46
CA PRO A 311 -8.63 13.71 29.20
C PRO A 311 -8.98 15.11 29.67
N GLU A 312 -9.66 15.88 28.82
CA GLU A 312 -10.06 17.24 29.19
C GLU A 312 -11.00 17.24 30.39
N ALA A 313 -11.96 16.32 30.39
CA ALA A 313 -12.91 16.20 31.49
C ALA A 313 -12.20 15.81 32.78
N LEU A 314 -11.25 14.89 32.67
CA LEU A 314 -10.47 14.44 33.82
C LEU A 314 -9.57 15.55 34.34
N ILE A 315 -9.05 16.35 33.41
CA ILE A 315 -8.21 17.49 33.76
C ILE A 315 -9.00 18.55 34.53
N ASN A 316 -10.24 18.80 34.09
CA ASN A 316 -11.07 19.83 34.70
C ASN A 316 -11.61 19.45 36.08
N ALA A 317 -11.80 18.15 36.30
CA ALA A 317 -12.40 17.68 37.55
C ALA A 317 -11.36 17.27 38.59
N GLY A 318 -10.09 17.35 38.21
CA GLY A 318 -9.02 16.85 39.06
C GLY A 318 -8.50 17.79 40.12
N ASP A 319 -8.16 17.23 41.27
CA ASP A 319 -7.45 17.94 42.32
C ASP A 319 -5.96 17.61 42.19
N PHE A 320 -5.18 18.59 41.78
CA PHE A 320 -3.79 18.33 41.45
C PHE A 320 -2.81 18.97 42.44
N HIS A 321 -3.28 19.20 43.66
CA HIS A 321 -2.38 19.61 44.74
C HIS A 321 -1.35 18.51 45.00
N GLY A 322 -0.10 18.89 45.16
CA GLY A 322 0.96 17.93 45.43
C GLY A 322 1.65 17.47 44.16
N LEU A 323 1.18 17.97 43.02
CA LEU A 323 1.78 17.64 41.74
C LEU A 323 2.67 18.77 41.23
N GLN A 324 3.87 18.41 40.78
CA GLN A 324 4.70 19.34 40.04
C GLN A 324 4.87 18.84 38.61
N VAL A 325 4.63 19.73 37.64
CA VAL A 325 4.81 19.36 36.25
C VAL A 325 5.69 20.37 35.53
N LEU A 326 6.53 19.85 34.65
CA LEU A 326 7.31 20.68 33.75
C LEU A 326 6.78 20.49 32.34
N VAL A 327 6.26 21.56 31.75
CA VAL A 327 5.69 21.47 30.40
C VAL A 327 6.29 22.53 29.49
N GLY A 328 6.22 22.30 28.18
CA GLY A 328 6.72 23.28 27.25
C GLY A 328 6.62 22.86 25.79
N VAL A 329 7.00 23.79 24.92
CA VAL A 329 6.90 23.60 23.48
C VAL A 329 8.15 24.10 22.77
N VAL A 330 8.31 23.74 21.51
CA VAL A 330 9.36 24.35 20.68
C VAL A 330 8.77 25.56 19.95
N LYS A 331 9.63 26.38 19.38
CA LYS A 331 9.23 27.64 18.77
C LYS A 331 8.30 27.46 17.57
N ASP A 332 8.44 26.34 16.87
CA ASP A 332 7.65 26.10 15.66
C ASP A 332 7.07 24.69 15.63
N GLU A 333 6.08 24.43 16.44
CA GLU A 333 5.47 23.13 16.53
C GLU A 333 4.80 22.65 15.27
N GLY A 334 4.41 23.56 14.41
CA GLY A 334 3.65 23.21 13.21
C GLY A 334 4.45 22.83 11.97
N SER A 335 5.70 23.29 11.88
CA SER A 335 6.47 23.21 10.65
C SER A 335 6.73 21.80 10.14
N TYR A 336 7.15 20.91 11.01
CA TYR A 336 7.56 19.59 10.62
C TYR A 336 6.52 18.78 9.90
N PHE A 337 5.32 18.78 10.42
CA PHE A 337 4.26 18.03 9.83
C PHE A 337 3.74 18.52 8.50
N LEU A 338 3.94 19.78 8.23
CA LEU A 338 3.41 20.42 7.02
C LEU A 338 3.89 19.74 5.73
N VAL A 339 5.12 19.25 5.72
CA VAL A 339 5.66 18.61 4.53
C VAL A 339 5.11 17.20 4.32
N TYR A 340 4.15 16.79 5.15
CA TYR A 340 3.58 15.46 5.03
C TYR A 340 2.17 15.45 4.44
N GLY A 341 1.89 16.40 3.55
CA GLY A 341 0.64 16.39 2.81
C GLY A 341 -0.08 17.72 2.69
N ALA A 342 0.43 18.75 3.35
CA ALA A 342 -0.12 20.08 3.16
C ALA A 342 0.29 20.60 1.78
N PRO A 343 -0.70 20.99 0.97
CA PRO A 343 -0.45 21.41 -0.42
C PRO A 343 0.54 22.57 -0.54
N GLY A 344 1.57 22.38 -1.35
CA GLY A 344 2.54 23.43 -1.61
C GLY A 344 3.78 23.39 -0.75
N PHE A 345 3.84 22.43 0.17
CA PHE A 345 4.94 22.36 1.13
C PHE A 345 5.99 21.31 0.79
N SER A 346 7.24 21.68 1.03
CA SER A 346 8.38 20.78 0.85
C SER A 346 9.58 21.32 1.62
N LYS A 347 10.46 20.42 2.04
CA LYS A 347 11.66 20.84 2.76
C LYS A 347 12.70 21.38 1.78
N ASP A 348 12.51 21.05 0.52
CA ASP A 348 13.44 21.41 -0.52
C ASP A 348 13.22 22.75 -1.19
N ASN A 349 12.17 23.42 -0.83
CA ASN A 349 11.90 24.75 -1.33
C ASN A 349 11.44 25.62 -0.18
N GLU A 350 11.20 26.89 -0.44
CA GLU A 350 10.76 27.82 0.57
C GLU A 350 9.32 27.69 1.03
N SER A 351 8.53 26.91 0.32
CA SER A 351 7.17 26.62 0.63
C SER A 351 6.33 27.87 0.73
N LEU A 352 6.49 28.75 -0.23
CA LEU A 352 5.73 29.99 -0.27
C LEU A 352 4.38 29.76 -0.94
N ILE A 353 3.40 29.30 -0.17
CA ILE A 353 2.11 28.89 -0.70
C ILE A 353 1.19 30.05 -1.07
N SER A 354 0.21 29.75 -1.92
CA SER A 354 -0.82 30.72 -2.29
C SER A 354 -1.98 30.65 -1.29
N ARG A 355 -2.89 31.61 -1.37
CA ARG A 355 -4.04 31.61 -0.46
C ARG A 355 -4.93 30.40 -0.73
N ALA A 356 -5.02 30.00 -1.99
CA ALA A 356 -5.78 28.82 -2.37
C ALA A 356 -5.21 27.59 -1.67
N GLU A 357 -3.89 27.49 -1.64
CA GLU A 357 -3.21 26.39 -0.97
C GLU A 357 -3.35 26.49 0.55
N PHE A 358 -3.33 27.72 1.06
CA PHE A 358 -3.53 27.97 2.48
C PHE A 358 -4.92 27.48 2.92
N LEU A 359 -5.94 27.88 2.17
CA LEU A 359 -7.31 27.48 2.47
C LEU A 359 -7.48 25.96 2.37
N ALA A 360 -6.80 25.36 1.40
CA ALA A 360 -6.81 23.91 1.25
C ALA A 360 -6.06 23.25 2.40
N GLY A 361 -4.96 23.87 2.82
CA GLY A 361 -4.14 23.35 3.90
C GLY A 361 -4.88 23.35 5.23
N VAL A 362 -5.79 24.30 5.40
CA VAL A 362 -6.56 24.42 6.63
C VAL A 362 -7.47 23.21 6.84
N ARG A 363 -8.09 22.73 5.76
CA ARG A 363 -8.95 21.55 5.85
C ARG A 363 -8.12 20.29 6.14
N VAL A 364 -6.86 20.31 5.71
CA VAL A 364 -5.94 19.21 5.97
C VAL A 364 -5.39 19.28 7.39
N GLY A 365 -5.05 20.48 7.83
CA GLY A 365 -4.49 20.69 9.15
C GLY A 365 -5.52 20.64 10.26
N VAL A 366 -6.77 20.94 9.93
CA VAL A 366 -7.87 20.83 10.89
C VAL A 366 -8.95 19.91 10.34
N PRO A 367 -8.66 18.61 10.26
CA PRO A 367 -9.59 17.66 9.63
C PRO A 367 -10.82 17.39 10.47
N GLN A 368 -11.87 16.89 9.81
CA GLN A 368 -13.08 16.42 10.49
C GLN A 368 -13.81 17.50 11.28
N VAL A 369 -13.81 18.72 10.75
CA VAL A 369 -14.63 19.79 11.33
C VAL A 369 -15.53 20.40 10.27
N SER A 370 -16.62 21.02 10.70
CA SER A 370 -17.58 21.63 9.80
C SER A 370 -16.96 22.78 9.02
N ASP A 371 -17.60 23.17 7.93
CA ASP A 371 -17.12 24.28 7.12
C ASP A 371 -17.08 25.57 7.92
N LEU A 372 -18.04 25.71 8.83
CA LEU A 372 -18.11 26.89 9.69
C LEU A 372 -16.89 26.97 10.60
N ALA A 373 -16.51 25.83 11.17
CA ALA A 373 -15.34 25.76 12.03
C ALA A 373 -14.08 26.13 11.25
N ALA A 374 -13.98 25.60 10.04
CA ALA A 374 -12.83 25.89 9.17
C ALA A 374 -12.72 27.37 8.86
N GLU A 375 -13.84 28.00 8.51
CA GLU A 375 -13.86 29.41 8.18
C GLU A 375 -13.51 30.27 9.41
N ALA A 376 -13.85 29.78 10.60
CA ALA A 376 -13.48 30.45 11.83
C ALA A 376 -11.96 30.45 12.01
N VAL A 377 -11.34 29.33 11.63
CA VAL A 377 -9.88 29.23 11.67
C VAL A 377 -9.26 30.23 10.69
N VAL A 378 -9.79 30.22 9.47
CA VAL A 378 -9.33 31.12 8.42
C VAL A 378 -9.45 32.58 8.84
N LEU A 379 -10.55 32.92 9.52
CA LEU A 379 -10.74 34.27 10.04
C LEU A 379 -9.62 34.67 10.99
N HIS A 380 -9.33 33.80 11.96
CA HIS A 380 -8.38 34.10 13.01
C HIS A 380 -6.93 34.17 12.52
N TYR A 381 -6.61 33.33 11.54
CA TYR A 381 -5.21 33.19 11.12
C TYR A 381 -4.92 33.93 9.82
N THR A 382 -5.86 34.76 9.38
CA THR A 382 -5.62 35.63 8.23
C THR A 382 -5.28 37.03 8.68
N ASP A 383 -4.20 37.59 8.14
CA ASP A 383 -3.93 39.00 8.28
C ASP A 383 -4.70 39.70 7.16
N TRP A 384 -5.80 40.35 7.50
CA TRP A 384 -6.71 40.87 6.49
C TRP A 384 -6.19 42.16 5.85
N LEU A 385 -5.02 42.60 6.29
CA LEU A 385 -4.29 43.67 5.61
C LEU A 385 -3.33 43.08 4.58
N HIS A 386 -2.97 41.81 4.79
CA HIS A 386 -2.09 41.09 3.86
C HIS A 386 -2.60 39.66 3.65
N PRO A 387 -3.81 39.51 3.07
CA PRO A 387 -4.47 38.20 3.03
C PRO A 387 -3.82 37.19 2.09
N GLU A 388 -2.97 37.64 1.18
CA GLU A 388 -2.44 36.74 0.14
C GLU A 388 -0.92 36.68 0.11
N ASP A 389 -0.27 37.28 1.10
CA ASP A 389 1.19 37.24 1.19
C ASP A 389 1.68 35.82 1.47
N PRO A 390 2.40 35.22 0.50
CA PRO A 390 2.86 33.83 0.56
C PRO A 390 3.65 33.49 1.81
N ALA A 391 4.56 34.38 2.21
CA ALA A 391 5.34 34.19 3.43
C ALA A 391 4.41 34.11 4.65
N ARG A 392 3.61 35.15 4.85
CA ARG A 392 2.69 35.21 5.98
C ARG A 392 1.75 34.00 6.02
N LEU A 393 1.36 33.50 4.84
CA LEU A 393 0.46 32.36 4.76
C LEU A 393 1.15 31.07 5.18
N ARG A 394 2.43 30.94 4.83
CA ARG A 394 3.21 29.77 5.22
C ARG A 394 3.32 29.69 6.74
N GLU A 395 3.67 30.83 7.36
CA GLU A 395 3.80 30.89 8.80
C GLU A 395 2.45 30.74 9.50
N ALA A 396 1.39 31.20 8.84
CA ALA A 396 0.04 31.13 9.42
C ALA A 396 -0.43 29.68 9.53
N LEU A 397 -0.22 28.91 8.47
CA LEU A 397 -0.66 27.52 8.47
C LEU A 397 0.17 26.68 9.44
N SER A 398 1.45 27.02 9.54
CA SER A 398 2.32 26.40 10.55
C SER A 398 1.75 26.67 11.93
N ASP A 399 1.33 27.90 12.16
CA ASP A 399 0.71 28.28 13.44
C ASP A 399 -0.58 27.51 13.68
N VAL A 400 -1.38 27.35 12.62
CA VAL A 400 -2.64 26.61 12.74
C VAL A 400 -2.39 25.18 13.23
N VAL A 401 -1.52 24.47 12.53
CA VAL A 401 -1.20 23.09 12.88
C VAL A 401 -0.55 22.99 14.26
N GLY A 402 0.37 23.92 14.54
CA GLY A 402 1.05 23.94 15.83
C GLY A 402 0.16 24.27 17.01
N ASP A 403 -0.64 25.32 16.88
CA ASP A 403 -1.53 25.74 17.96
C ASP A 403 -2.57 24.67 18.26
N HIS A 404 -3.22 24.19 17.21
CA HIS A 404 -4.29 23.22 17.31
C HIS A 404 -3.84 21.90 17.93
N ASN A 405 -2.75 21.36 17.46
CA ASN A 405 -2.24 20.11 17.95
C ASN A 405 -1.36 20.08 19.18
N VAL A 406 -0.60 21.13 19.39
CA VAL A 406 0.33 21.14 20.48
C VAL A 406 0.31 22.26 21.49
N VAL A 407 0.52 23.47 21.03
CA VAL A 407 0.66 24.62 21.91
C VAL A 407 -0.57 24.87 22.79
N CYS A 408 -1.75 24.86 22.18
CA CYS A 408 -2.97 25.16 22.92
C CYS A 408 -3.45 23.99 23.80
N PRO A 409 -3.29 22.74 23.34
CA PRO A 409 -3.53 21.65 24.30
C PRO A 409 -2.59 21.72 25.51
N VAL A 410 -1.33 22.06 25.29
CA VAL A 410 -0.37 22.20 26.39
C VAL A 410 -0.74 23.37 27.29
N ALA A 411 -1.16 24.47 26.68
CA ALA A 411 -1.57 25.66 27.43
C ALA A 411 -2.77 25.37 28.32
N GLN A 412 -3.74 24.64 27.78
CA GLN A 412 -4.94 24.29 28.54
C GLN A 412 -4.58 23.38 29.70
N LEU A 413 -3.75 22.39 29.43
CA LEU A 413 -3.27 21.48 30.47
C LEU A 413 -2.55 22.25 31.58
N ALA A 414 -1.64 23.12 31.19
CA ALA A 414 -0.86 23.91 32.15
C ALA A 414 -1.74 24.81 33.01
N GLY A 415 -2.67 25.50 32.38
CA GLY A 415 -3.55 26.42 33.08
C GLY A 415 -4.49 25.75 34.05
N ARG A 416 -5.09 24.64 33.64
CA ARG A 416 -6.03 23.93 34.48
C ARG A 416 -5.33 23.24 35.65
N LEU A 417 -4.17 22.66 35.39
CA LEU A 417 -3.40 22.00 36.45
C LEU A 417 -2.96 23.02 37.51
N ALA A 418 -2.46 24.16 37.05
CA ALA A 418 -2.00 25.22 37.95
C ALA A 418 -3.14 25.79 38.77
N ALA A 419 -4.31 25.94 38.14
CA ALA A 419 -5.47 26.51 38.80
C ALA A 419 -6.10 25.52 39.78
N GLN A 420 -5.71 24.25 39.66
CA GLN A 420 -6.30 23.21 40.51
C GLN A 420 -5.27 22.50 41.38
N GLY A 421 -4.23 23.22 41.76
CA GLY A 421 -3.34 22.77 42.83
C GLY A 421 -1.92 22.41 42.46
N ALA A 422 -1.65 22.20 41.17
CA ALA A 422 -0.33 21.78 40.73
C ALA A 422 0.62 22.96 40.60
N ARG A 423 1.90 22.74 40.89
CA ARG A 423 2.92 23.74 40.60
C ARG A 423 3.49 23.46 39.21
N VAL A 424 3.33 24.42 38.31
CA VAL A 424 3.65 24.23 36.90
C VAL A 424 4.81 25.13 36.46
N TYR A 425 5.75 24.56 35.73
CA TYR A 425 6.80 25.34 35.09
C TYR A 425 6.69 25.19 33.58
N ALA A 426 6.67 26.31 32.88
CA ALA A 426 6.47 26.30 31.43
C ALA A 426 7.65 26.93 30.70
N TYR A 427 7.96 26.38 29.53
CA TYR A 427 9.06 26.89 28.72
C TYR A 427 8.68 26.92 27.25
N VAL A 428 9.41 27.72 26.48
CA VAL A 428 9.43 27.58 25.04
C VAL A 428 10.86 27.46 24.56
N PHE A 429 11.15 26.40 23.83
CA PHE A 429 12.50 26.11 23.37
C PHE A 429 12.76 26.80 22.03
N GLU A 430 13.68 27.77 22.03
CA GLU A 430 13.85 28.63 20.87
C GLU A 430 15.21 28.56 20.19
N HIS A 431 15.98 27.50 20.47
CA HIS A 431 17.29 27.36 19.85
C HIS A 431 17.26 26.40 18.67
N ARG A 432 17.72 26.88 17.52
CA ARG A 432 17.89 26.04 16.35
C ARG A 432 19.31 25.48 16.33
N ALA A 433 19.41 24.15 16.43
CA ALA A 433 20.71 23.49 16.45
C ALA A 433 21.51 23.82 15.20
N SER A 434 22.81 24.04 15.40
CA SER A 434 23.71 24.34 14.28
C SER A 434 23.77 23.17 13.31
N THR A 435 23.39 21.99 13.79
CA THR A 435 23.46 20.77 13.00
C THR A 435 22.15 20.43 12.30
N LEU A 436 21.14 21.27 12.47
CA LEU A 436 19.81 20.97 11.93
C LEU A 436 19.82 20.91 10.41
N SER A 437 19.30 19.80 9.87
CA SER A 437 19.34 19.56 8.44
C SER A 437 18.07 20.03 7.73
N TRP A 438 17.02 20.30 8.50
CA TRP A 438 15.78 20.86 7.95
C TRP A 438 16.02 22.31 7.51
N PRO A 439 15.26 22.77 6.50
CA PRO A 439 15.43 24.14 5.99
C PRO A 439 15.18 25.21 7.05
N LEU A 440 15.67 26.42 6.80
CA LEU A 440 15.59 27.51 7.75
C LEU A 440 14.16 27.98 8.02
N TRP A 441 13.27 27.82 7.03
CA TRP A 441 11.91 28.31 7.18
C TRP A 441 11.13 27.50 8.20
N MET A 442 11.62 26.30 8.52
CA MET A 442 10.95 25.46 9.50
C MET A 442 11.26 25.89 10.93
N GLY A 443 12.23 26.79 11.08
CA GLY A 443 12.60 27.31 12.39
C GLY A 443 13.11 26.23 13.33
N VAL A 444 12.54 26.18 14.54
CA VAL A 444 12.87 25.13 15.50
C VAL A 444 11.76 24.10 15.52
N PRO A 445 11.89 23.05 14.75
CA PRO A 445 10.85 22.08 14.64
C PRO A 445 10.70 21.21 15.84
N HIS A 446 9.58 20.55 15.79
CA HIS A 446 9.14 19.69 16.80
C HIS A 446 10.06 18.54 17.00
N GLY A 447 10.48 18.37 18.23
CA GLY A 447 11.33 17.26 18.62
C GLY A 447 12.82 17.53 18.66
N TYR A 448 13.24 18.73 18.28
CA TYR A 448 14.66 19.01 18.19
C TYR A 448 15.20 19.76 19.40
N GLU A 449 14.53 19.58 20.51
CA GLU A 449 15.01 20.07 21.75
C GLU A 449 15.52 18.84 22.53
N ILE A 450 15.06 17.66 22.13
CA ILE A 450 15.36 16.41 22.82
C ILE A 450 16.86 16.15 22.93
N GLU A 451 17.57 16.32 21.82
CA GLU A 451 19.01 16.05 21.77
C GLU A 451 19.78 16.90 22.77
N PHE A 452 19.27 18.10 23.06
CA PHE A 452 19.92 18.98 24.02
C PHE A 452 19.65 18.55 25.45
N ILE A 453 18.44 18.05 25.70
CA ILE A 453 18.08 17.61 27.04
C ILE A 453 18.86 16.36 27.42
N PHE A 454 19.10 15.49 26.43
CA PHE A 454 19.85 14.25 26.66
C PHE A 454 21.35 14.48 26.60
N GLY A 455 21.75 15.74 26.45
CA GLY A 455 23.16 16.11 26.49
C GLY A 455 23.97 15.56 25.33
N ILE A 456 23.29 15.20 24.25
CA ILE A 456 23.94 14.71 23.04
C ILE A 456 25.06 15.64 22.49
N PRO A 457 24.88 16.98 22.58
CA PRO A 457 26.00 17.84 22.16
C PRO A 457 27.33 17.61 22.88
N LEU A 458 27.33 16.89 24.00
CA LEU A 458 28.56 16.64 24.74
C LEU A 458 29.41 15.57 24.07
N ASP A 459 28.78 14.81 23.16
CA ASP A 459 29.50 13.82 22.36
C ASP A 459 30.48 14.55 21.44
N PRO A 460 31.79 14.34 21.66
CA PRO A 460 32.82 15.03 20.88
C PRO A 460 32.77 14.70 19.39
N SER A 461 32.30 13.49 19.06
CA SER A 461 32.26 13.03 17.68
C SER A 461 31.19 13.74 16.86
N ARG A 462 30.35 14.52 17.53
CA ARG A 462 29.33 15.31 16.85
C ARG A 462 29.77 16.77 16.79
N ASN A 463 29.18 17.53 15.87
CA ASN A 463 29.71 18.84 15.51
C ASN A 463 28.97 20.04 16.11
N TYR A 464 28.55 19.91 17.35
CA TYR A 464 27.91 21.02 18.06
C TYR A 464 28.96 22.03 18.51
N THR A 465 28.54 23.28 18.67
CA THR A 465 29.44 24.35 19.09
C THR A 465 29.73 24.28 20.58
N ALA A 466 30.70 25.09 21.03
CA ALA A 466 31.06 25.15 22.43
C ALA A 466 29.92 25.73 23.28
N GLU A 467 29.22 26.72 22.72
CA GLU A 467 28.12 27.35 23.43
C GLU A 467 26.91 26.42 23.51
N GLU A 468 26.76 25.56 22.50
CA GLU A 468 25.66 24.59 22.49
C GLU A 468 25.86 23.51 23.56
N LYS A 469 27.11 23.16 23.83
CA LYS A 469 27.43 22.20 24.87
C LYS A 469 27.06 22.76 26.24
N ILE A 470 27.42 24.02 26.46
CA ILE A 470 27.08 24.71 27.69
C ILE A 470 25.55 24.83 27.82
N PHE A 471 24.88 25.03 26.69
CA PHE A 471 23.43 25.11 26.65
C PHE A 471 22.81 23.77 27.06
N ALA A 472 23.35 22.68 26.51
CA ALA A 472 22.89 21.34 26.84
C ALA A 472 23.08 21.06 28.33
N GLN A 473 24.21 21.49 28.87
CA GLN A 473 24.50 21.27 30.28
C GLN A 473 23.54 22.02 31.19
N ARG A 474 23.13 23.21 30.77
CA ARG A 474 22.18 24.00 31.55
C ARG A 474 20.78 23.38 31.50
N LEU A 475 20.42 22.82 30.35
CA LEU A 475 19.14 22.15 30.19
C LEU A 475 19.06 20.87 31.02
N MET A 476 20.14 20.10 31.04
CA MET A 476 20.20 18.89 31.84
C MET A 476 20.07 19.22 33.32
N ARG A 477 20.66 20.33 33.73
CA ARG A 477 20.59 20.79 35.11
C ARG A 477 19.16 21.17 35.50
N TYR A 478 18.49 21.92 34.62
CA TYR A 478 17.09 22.29 34.84
C TYR A 478 16.22 21.05 35.05
N TRP A 479 16.34 20.11 34.12
CA TRP A 479 15.54 18.89 34.13
C TRP A 479 15.84 18.02 35.35
N ALA A 480 17.11 17.91 35.70
CA ALA A 480 17.50 17.10 36.84
C ALA A 480 17.12 17.76 38.16
N ASN A 481 17.22 19.09 38.20
CA ASN A 481 16.77 19.86 39.35
C ASN A 481 15.30 19.60 39.61
N PHE A 482 14.52 19.59 38.54
CA PHE A 482 13.08 19.35 38.64
C PHE A 482 12.81 17.93 39.14
N ALA A 483 13.55 16.97 38.61
CA ALA A 483 13.38 15.57 39.03
C ALA A 483 13.70 15.39 40.51
N ARG A 484 14.67 16.13 41.00
CA ARG A 484 15.10 16.03 42.38
C ARG A 484 14.19 16.77 43.35
N THR A 485 13.76 17.97 42.96
CA THR A 485 13.08 18.87 43.90
C THR A 485 11.70 19.33 43.47
N GLY A 486 11.33 19.10 42.21
CA GLY A 486 10.09 19.61 41.68
C GLY A 486 10.22 21.08 41.31
N ASP A 487 11.47 21.53 41.19
CA ASP A 487 11.77 22.92 40.90
C ASP A 487 13.02 22.98 40.05
N PRO A 488 12.90 23.45 38.79
CA PRO A 488 14.03 23.47 37.86
C PRO A 488 15.12 24.46 38.28
N ASN A 489 14.75 25.46 39.05
CA ASN A 489 15.67 26.52 39.47
C ASN A 489 16.84 25.99 40.28
N GLU A 490 18.04 26.46 39.95
CA GLU A 490 19.21 26.29 40.82
C GLU A 490 18.92 27.03 42.12
N PRO A 491 18.94 26.30 43.25
CA PRO A 491 18.70 26.86 44.58
C PRO A 491 19.94 26.83 45.50
N PRO A 494 21.92 31.14 42.59
CA PRO A 494 20.55 31.51 42.36
C PRO A 494 20.46 33.03 42.30
N LYS A 495 21.49 33.65 41.74
CA LYS A 495 21.49 35.09 41.49
C LYS A 495 21.17 35.27 40.01
N ALA A 496 21.20 34.14 39.31
CA ALA A 496 20.73 34.05 37.93
C ALA A 496 19.22 34.31 37.88
N PRO A 497 18.72 34.74 36.71
CA PRO A 497 17.28 34.98 36.55
C PRO A 497 16.45 33.73 36.87
N GLN A 498 15.48 33.87 37.77
CA GLN A 498 14.71 32.74 38.24
C GLN A 498 13.60 32.32 37.27
N TRP A 499 13.27 31.04 37.29
CA TRP A 499 12.20 30.48 36.48
C TRP A 499 10.93 30.41 37.31
N PRO A 500 9.99 31.34 37.06
CA PRO A 500 8.77 31.41 37.87
C PRO A 500 7.73 30.39 37.44
N PRO A 501 6.88 29.95 38.38
CA PRO A 501 5.79 29.02 38.09
C PRO A 501 4.75 29.59 37.11
N TYR A 502 4.20 28.73 36.28
CA TYR A 502 3.12 29.13 35.37
C TYR A 502 1.79 29.14 36.11
N THR A 503 1.05 30.24 35.97
CA THR A 503 -0.28 30.33 36.57
C THR A 503 -1.31 30.73 35.52
N ALA A 504 -2.57 30.42 35.78
CA ALA A 504 -3.64 30.68 34.83
C ALA A 504 -3.79 32.18 34.53
N GLY A 505 -3.47 33.00 35.52
CA GLY A 505 -3.55 34.45 35.37
C GLY A 505 -2.33 35.04 34.70
N ALA A 506 -1.19 35.01 35.39
CA ALA A 506 0.03 35.63 34.90
C ALA A 506 0.57 34.94 33.65
N GLN A 507 0.36 33.63 33.56
CA GLN A 507 0.75 32.83 32.39
C GLN A 507 2.22 33.00 32.04
N GLN A 508 3.08 32.96 33.05
CA GLN A 508 4.50 33.19 32.84
C GLN A 508 5.24 31.91 32.42
N TYR A 509 6.12 32.06 31.44
CA TYR A 509 6.99 30.98 30.99
C TYR A 509 8.35 31.56 30.64
N VAL A 510 9.35 30.69 30.43
CA VAL A 510 10.66 31.18 30.07
C VAL A 510 11.09 30.69 28.69
N SER A 511 11.93 31.48 28.03
CA SER A 511 12.52 31.09 26.76
C SER A 511 13.82 30.32 27.01
N LEU A 512 13.99 29.19 26.34
CA LEU A 512 15.23 28.43 26.46
C LEU A 512 16.06 28.55 25.20
N ASP A 513 17.17 29.27 25.29
CA ASP A 513 18.16 29.33 24.22
C ASP A 513 19.54 29.69 24.79
N LEU A 514 20.45 30.11 23.91
CA LEU A 514 21.82 30.40 24.32
C LEU A 514 21.88 31.57 25.30
N ARG A 515 20.96 32.51 25.15
CA ARG A 515 20.85 33.65 26.05
C ARG A 515 20.30 33.20 27.41
N PRO A 516 20.56 33.98 28.47
CA PRO A 516 19.99 33.68 29.79
C PRO A 516 18.46 33.63 29.77
N LEU A 517 17.86 33.06 30.81
CA LEU A 517 16.41 32.94 30.90
C LEU A 517 15.71 34.29 30.73
N GLU A 518 14.68 34.30 29.89
CA GLU A 518 13.85 35.47 29.72
C GLU A 518 12.40 35.10 30.02
N VAL A 519 11.78 35.84 30.94
CA VAL A 519 10.40 35.57 31.34
C VAL A 519 9.41 36.29 30.44
N ARG A 520 8.44 35.56 29.93
CA ARG A 520 7.41 36.13 29.06
C ARG A 520 6.02 35.73 29.55
N ARG A 521 4.99 36.37 29.00
CA ARG A 521 3.61 36.06 29.38
C ARG A 521 2.82 35.52 28.20
N GLY A 522 2.02 34.48 28.46
CA GLY A 522 1.08 33.97 27.49
C GLY A 522 1.61 32.96 26.49
N LEU A 523 1.13 31.73 26.60
CA LEU A 523 1.41 30.71 25.59
C LEU A 523 0.46 30.90 24.41
N ARG A 524 0.72 31.94 23.62
CA ARG A 524 -0.14 32.31 22.49
C ARG A 524 -1.59 32.42 22.96
N ALA A 525 -1.81 33.27 23.96
CA ALA A 525 -3.08 33.39 24.65
C ALA A 525 -4.25 33.70 23.72
N GLN A 526 -4.03 34.60 22.75
CA GLN A 526 -5.08 34.98 21.82
C GLN A 526 -5.53 33.81 20.95
N ALA A 527 -4.56 33.11 20.37
CA ALA A 527 -4.86 31.98 19.51
C ALA A 527 -5.48 30.82 20.29
N CYS A 528 -4.99 30.59 21.49
CA CYS A 528 -5.45 29.45 22.28
C CYS A 528 -6.80 29.70 22.93
N ALA A 529 -7.19 30.97 23.06
CA ALA A 529 -8.54 31.28 23.51
C ALA A 529 -9.54 30.80 22.46
N PHE A 530 -9.15 30.87 21.20
CA PHE A 530 -9.98 30.37 20.11
C PHE A 530 -10.15 28.86 20.17
N TRP A 531 -9.02 28.14 20.21
CA TRP A 531 -9.04 26.68 20.20
C TRP A 531 -9.62 26.08 21.47
N ASN A 532 -9.32 26.67 22.62
CA ASN A 532 -9.71 26.08 23.90
C ASN A 532 -11.05 26.58 24.44
N ARG A 533 -11.43 27.81 24.11
CA ARG A 533 -12.64 28.39 24.68
C ARG A 533 -13.80 28.49 23.68
N PHE A 534 -13.54 29.01 22.49
CA PHE A 534 -14.62 29.27 21.54
C PHE A 534 -14.98 28.08 20.66
N LEU A 535 -13.97 27.51 19.99
CA LEU A 535 -14.22 26.45 19.01
C LEU A 535 -15.00 25.25 19.54
N PRO A 536 -14.74 24.81 20.80
CA PRO A 536 -15.59 23.74 21.33
C PRO A 536 -17.07 24.12 21.38
N LYS A 537 -17.37 25.36 21.75
CA LYS A 537 -18.75 25.84 21.80
C LYS A 537 -19.39 25.81 20.42
N LEU A 538 -18.59 26.12 19.41
CA LEU A 538 -19.06 26.17 18.03
C LEU A 538 -19.41 24.78 17.52
N LEU A 539 -18.60 23.79 17.89
CA LEU A 539 -18.81 22.42 17.44
C LEU A 539 -20.03 21.79 18.11
N SER A 540 -20.41 22.33 19.26
CA SER A 540 -21.55 21.82 20.02
C SER A 540 -22.88 22.25 19.40
N ALA A 541 -22.86 23.38 18.70
CA ALA A 541 -24.07 23.91 18.08
C ALA A 541 -23.83 24.24 16.61
N GLU B 3 23.54 -27.99 -43.31
CA GLU B 3 22.73 -27.08 -42.49
C GLU B 3 22.06 -26.02 -43.38
N ASP B 4 20.92 -25.51 -42.94
CA ASP B 4 20.25 -24.40 -43.63
C ASP B 4 20.47 -23.12 -42.83
N ALA B 5 21.22 -22.19 -43.40
CA ALA B 5 21.64 -20.98 -42.70
C ALA B 5 20.47 -20.11 -42.23
N GLU B 6 19.35 -20.19 -42.95
CA GLU B 6 18.17 -19.39 -42.60
C GLU B 6 17.56 -19.85 -41.27
N LEU B 7 17.74 -21.12 -40.95
CA LEU B 7 17.15 -21.69 -39.74
C LEU B 7 18.13 -21.67 -38.57
N LEU B 8 19.26 -20.99 -38.76
CA LEU B 8 20.25 -20.84 -37.70
C LEU B 8 20.36 -19.38 -37.29
N VAL B 9 20.17 -19.13 -36.00
CA VAL B 9 20.19 -17.77 -35.46
C VAL B 9 20.95 -17.75 -34.14
N THR B 10 21.76 -16.72 -33.94
CA THR B 10 22.45 -16.51 -32.67
C THR B 10 21.81 -15.39 -31.88
N VAL B 11 21.30 -15.72 -30.70
CA VAL B 11 20.78 -14.71 -29.78
C VAL B 11 21.79 -14.53 -28.66
N ARG B 12 21.52 -13.62 -27.73
CA ARG B 12 22.45 -13.36 -26.64
C ARG B 12 22.66 -14.60 -25.79
N GLY B 13 21.63 -15.43 -25.67
CA GLY B 13 21.70 -16.64 -24.87
C GLY B 13 22.58 -17.72 -25.48
N GLY B 14 22.65 -17.75 -26.80
CA GLY B 14 23.42 -18.78 -27.49
C GLY B 14 22.87 -19.08 -28.86
N ARG B 15 23.08 -20.30 -29.33
CA ARG B 15 22.76 -20.69 -30.70
C ARG B 15 21.41 -21.38 -30.79
N LEU B 16 20.63 -21.05 -31.82
CA LEU B 16 19.31 -21.64 -32.02
C LEU B 16 19.15 -22.28 -33.39
N ARG B 17 18.38 -23.36 -33.45
CA ARG B 17 18.01 -23.98 -34.72
C ARG B 17 16.49 -24.03 -34.83
N GLY B 18 15.96 -23.57 -35.96
CA GLY B 18 14.52 -23.53 -36.15
C GLY B 18 14.05 -24.44 -37.27
N ILE B 19 12.80 -24.23 -37.69
CA ILE B 19 12.22 -25.05 -38.75
C ILE B 19 11.62 -24.20 -39.87
N ARG B 20 11.56 -24.78 -41.06
CA ARG B 20 10.93 -24.14 -42.20
C ARG B 20 9.48 -24.60 -42.32
N LEU B 21 8.55 -23.68 -42.11
CA LEU B 21 7.13 -24.00 -42.14
C LEU B 21 6.50 -23.75 -43.50
N LYS B 22 5.65 -24.66 -43.94
CA LYS B 22 4.90 -24.47 -45.16
C LYS B 22 3.62 -23.69 -44.89
N THR B 23 3.38 -22.65 -45.69
CA THR B 23 2.11 -21.93 -45.64
C THR B 23 1.57 -21.83 -47.06
N PRO B 24 0.24 -21.66 -47.20
CA PRO B 24 -0.39 -21.47 -48.51
C PRO B 24 0.29 -20.43 -49.38
N GLY B 25 0.84 -19.39 -48.76
CA GLY B 25 1.45 -18.30 -49.51
C GLY B 25 2.95 -18.42 -49.70
N GLY B 26 3.56 -19.40 -49.03
CA GLY B 26 5.00 -19.60 -49.12
C GLY B 26 5.63 -19.98 -47.81
N PRO B 27 6.96 -20.12 -47.81
CA PRO B 27 7.69 -20.57 -46.61
C PRO B 27 7.88 -19.46 -45.56
N VAL B 28 7.82 -19.86 -44.30
CA VAL B 28 8.17 -18.97 -43.20
C VAL B 28 9.11 -19.70 -42.24
N SER B 29 9.97 -18.96 -41.56
CA SER B 29 10.86 -19.55 -40.57
C SER B 29 10.24 -19.47 -39.18
N ALA B 30 10.26 -20.58 -38.46
CA ALA B 30 9.68 -20.63 -37.13
C ALA B 30 10.69 -21.12 -36.09
N PHE B 31 10.80 -20.37 -35.01
CA PHE B 31 11.64 -20.78 -33.88
C PHE B 31 10.74 -20.96 -32.66
N LEU B 32 10.32 -22.20 -32.43
CA LEU B 32 9.33 -22.50 -31.41
C LEU B 32 9.96 -23.12 -30.17
N GLY B 33 9.63 -22.58 -29.00
CA GLY B 33 10.14 -23.11 -27.76
C GLY B 33 11.54 -22.61 -27.43
N ILE B 34 11.74 -21.30 -27.57
CA ILE B 34 12.98 -20.66 -27.13
C ILE B 34 12.90 -20.33 -25.65
N PRO B 35 13.83 -20.88 -24.85
CA PRO B 35 13.83 -20.57 -23.41
C PRO B 35 14.23 -19.12 -23.15
N PHE B 36 13.40 -18.38 -22.44
CA PHE B 36 13.73 -17.00 -22.12
C PHE B 36 13.89 -16.79 -20.63
N ALA B 37 13.61 -17.85 -19.85
CA ALA B 37 13.79 -17.79 -18.41
C ALA B 37 14.24 -19.15 -17.87
N GLU B 38 14.88 -19.13 -16.71
CA GLU B 38 15.15 -20.37 -15.98
C GLU B 38 13.81 -20.97 -15.58
N PRO B 39 13.69 -22.31 -15.60
CA PRO B 39 12.44 -22.96 -15.20
C PRO B 39 12.04 -22.61 -13.78
N PRO B 40 10.83 -22.04 -13.61
CA PRO B 40 10.34 -21.63 -12.30
C PRO B 40 9.86 -22.81 -11.46
N MET B 41 10.72 -23.80 -11.26
CA MET B 41 10.38 -25.01 -10.56
C MET B 41 10.94 -25.02 -9.13
N GLY B 42 10.41 -25.92 -8.30
CA GLY B 42 10.89 -26.11 -6.95
C GLY B 42 10.91 -24.83 -6.13
N PRO B 43 12.12 -24.38 -5.74
CA PRO B 43 12.30 -23.16 -4.96
C PRO B 43 11.95 -21.89 -5.75
N ARG B 44 11.82 -22.01 -7.07
CA ARG B 44 11.55 -20.85 -7.91
C ARG B 44 10.04 -20.66 -8.18
N ARG B 45 9.22 -21.57 -7.68
CA ARG B 45 7.77 -21.41 -7.79
C ARG B 45 7.35 -20.14 -7.06
N PHE B 46 6.43 -19.39 -7.66
CA PHE B 46 5.90 -18.13 -7.15
C PHE B 46 6.90 -16.97 -7.21
N LEU B 47 8.13 -17.25 -7.61
CA LEU B 47 9.16 -16.21 -7.69
C LEU B 47 9.18 -15.53 -9.05
N PRO B 48 9.65 -14.28 -9.10
CA PRO B 48 9.88 -13.60 -10.37
C PRO B 48 10.79 -14.41 -11.28
N PRO B 49 10.60 -14.29 -12.61
CA PRO B 49 11.42 -15.08 -13.54
C PRO B 49 12.87 -14.62 -13.55
N GLU B 50 13.79 -15.58 -13.54
CA GLU B 50 15.20 -15.29 -13.74
C GLU B 50 15.53 -15.48 -15.21
N PRO B 51 16.32 -14.56 -15.79
CA PRO B 51 16.71 -14.68 -17.20
C PRO B 51 17.42 -16.00 -17.50
N LYS B 52 17.16 -16.54 -18.69
CA LYS B 52 17.80 -17.78 -19.13
C LYS B 52 19.31 -17.62 -19.19
N GLN B 53 20.03 -18.47 -18.45
CA GLN B 53 21.47 -18.44 -18.45
C GLN B 53 22.02 -18.98 -19.78
N PRO B 54 23.13 -18.40 -20.26
CA PRO B 54 23.80 -18.78 -21.51
C PRO B 54 23.98 -20.28 -21.66
N TRP B 55 23.92 -20.76 -22.90
CA TRP B 55 24.16 -22.18 -23.18
C TRP B 55 25.17 -22.35 -24.30
N SER B 56 25.92 -23.45 -24.24
CA SER B 56 26.81 -23.81 -25.34
C SER B 56 26.08 -24.77 -26.27
N GLY B 57 26.55 -24.86 -27.51
CA GLY B 57 25.92 -25.72 -28.49
C GLY B 57 24.65 -25.11 -29.05
N VAL B 58 23.84 -25.93 -29.72
CA VAL B 58 22.65 -25.44 -30.39
C VAL B 58 21.36 -25.94 -29.74
N VAL B 59 20.49 -25.00 -29.37
CA VAL B 59 19.16 -25.34 -28.88
C VAL B 59 18.18 -25.50 -30.04
N ASP B 60 17.52 -26.64 -30.10
CA ASP B 60 16.51 -26.87 -31.12
C ASP B 60 15.21 -26.18 -30.75
N ALA B 61 14.97 -25.03 -31.38
CA ALA B 61 13.71 -24.31 -31.23
C ALA B 61 12.78 -24.75 -32.34
N THR B 62 12.32 -26.00 -32.28
CA THR B 62 11.69 -26.64 -33.42
C THR B 62 10.28 -27.14 -33.16
N THR B 63 9.77 -26.91 -31.96
CA THR B 63 8.41 -27.29 -31.61
C THR B 63 7.94 -26.53 -30.37
N PHE B 64 6.64 -26.39 -30.22
CA PHE B 64 6.06 -25.71 -29.06
C PHE B 64 6.43 -26.43 -27.77
N GLN B 65 6.81 -25.67 -26.76
CA GLN B 65 7.13 -26.26 -25.46
C GLN B 65 5.87 -26.41 -24.62
N SER B 66 6.06 -26.91 -23.40
CA SER B 66 4.96 -27.29 -22.52
C SER B 66 4.04 -26.12 -22.18
N VAL B 67 2.78 -26.46 -21.91
CA VAL B 67 1.81 -25.50 -21.44
C VAL B 67 1.98 -25.30 -19.93
N CYS B 68 2.00 -24.05 -19.49
CA CYS B 68 2.10 -23.75 -18.06
C CYS B 68 0.93 -24.39 -17.34
N TYR B 69 1.19 -25.03 -16.20
CA TYR B 69 0.18 -25.84 -15.54
C TYR B 69 -1.06 -25.01 -15.21
N GLN B 70 -2.21 -25.59 -15.52
CA GLN B 70 -3.47 -24.86 -15.45
C GLN B 70 -4.65 -25.79 -15.34
N TYR B 71 -5.76 -25.27 -14.94
CA TYR B 71 -6.98 -26.00 -14.90
C TYR B 71 -7.39 -26.38 -16.31
N VAL B 72 -7.97 -27.53 -16.48
CA VAL B 72 -8.44 -27.98 -17.79
C VAL B 72 -9.96 -28.08 -17.80
N ASP B 73 -10.58 -27.45 -18.79
CA ASP B 73 -12.04 -27.34 -18.84
C ASP B 73 -12.70 -28.69 -19.14
N THR B 74 -13.71 -29.01 -18.33
CA THR B 74 -14.43 -30.29 -18.46
C THR B 74 -15.93 -30.10 -18.64
N LEU B 75 -16.36 -28.86 -18.86
CA LEU B 75 -17.78 -28.53 -18.95
C LEU B 75 -18.48 -29.26 -20.10
N TYR B 76 -17.84 -29.31 -21.26
CA TYR B 76 -18.38 -30.02 -22.41
C TYR B 76 -17.31 -30.88 -23.07
N PRO B 77 -17.07 -32.08 -22.53
CA PRO B 77 -16.02 -32.98 -23.03
C PRO B 77 -16.21 -33.36 -24.51
N GLY B 78 -15.19 -33.13 -25.31
CA GLY B 78 -15.22 -33.50 -26.72
C GLY B 78 -15.74 -32.39 -27.62
N PHE B 79 -16.37 -31.38 -27.02
CA PHE B 79 -16.94 -30.27 -27.77
C PHE B 79 -15.85 -29.35 -28.32
N GLU B 80 -15.86 -29.14 -29.63
CA GLU B 80 -14.83 -28.34 -30.29
C GLU B 80 -14.74 -26.93 -29.75
N GLY B 81 -15.89 -26.32 -29.46
CA GLY B 81 -15.95 -24.94 -29.01
C GLY B 81 -15.21 -24.69 -27.71
N THR B 82 -15.08 -25.74 -26.92
CA THR B 82 -14.42 -25.67 -25.68
C THR B 82 -13.01 -26.24 -25.67
N GLU B 83 -12.77 -27.30 -26.44
CA GLU B 83 -11.49 -28.01 -26.47
C GLU B 83 -10.40 -27.20 -27.15
N MET B 84 -10.80 -26.29 -28.00
CA MET B 84 -9.88 -25.45 -28.73
C MET B 84 -9.05 -24.56 -27.82
N TRP B 85 -9.56 -24.28 -26.65
CA TRP B 85 -8.91 -23.45 -25.67
C TRP B 85 -8.10 -24.24 -24.65
N ASN B 86 -8.24 -25.55 -24.66
CA ASN B 86 -7.53 -26.43 -23.74
C ASN B 86 -6.10 -26.69 -24.20
N PRO B 87 -5.21 -27.04 -23.26
CA PRO B 87 -3.80 -27.34 -23.57
C PRO B 87 -3.63 -28.36 -24.69
N ASN B 88 -2.75 -28.06 -25.64
CA ASN B 88 -2.42 -28.99 -26.70
C ASN B 88 -0.98 -29.48 -26.56
N ARG B 89 -0.41 -29.24 -25.39
CA ARG B 89 0.88 -29.79 -25.00
C ARG B 89 0.77 -30.26 -23.56
N GLU B 90 1.77 -31.03 -23.09
CA GLU B 90 1.76 -31.51 -21.73
C GLU B 90 1.85 -30.33 -20.76
N LEU B 91 1.26 -30.50 -19.58
CA LEU B 91 1.32 -29.48 -18.54
C LEU B 91 2.64 -29.56 -17.78
N SER B 92 3.24 -28.42 -17.49
CA SER B 92 4.50 -28.36 -16.76
C SER B 92 4.75 -26.99 -16.18
N GLU B 93 5.43 -26.95 -15.03
CA GLU B 93 5.87 -25.69 -14.45
C GLU B 93 7.06 -25.15 -15.23
N ASP B 94 7.75 -26.07 -15.92
CA ASP B 94 8.80 -25.71 -16.86
C ASP B 94 8.17 -25.30 -18.17
N CYS B 95 7.79 -24.03 -18.27
CA CYS B 95 6.96 -23.59 -19.39
C CYS B 95 7.30 -22.20 -19.91
N LEU B 96 8.38 -21.61 -19.42
CA LEU B 96 8.72 -20.25 -19.82
C LEU B 96 9.52 -20.24 -21.12
N TYR B 97 8.82 -20.37 -22.23
CA TYR B 97 9.41 -20.38 -23.55
C TYR B 97 8.64 -19.44 -24.47
N LEU B 98 9.29 -18.87 -25.48
CA LEU B 98 8.61 -18.02 -26.44
C LEU B 98 8.84 -18.50 -27.86
N ASN B 99 8.05 -17.96 -28.79
CA ASN B 99 8.09 -18.38 -30.18
C ASN B 99 8.34 -17.19 -31.11
N VAL B 100 9.12 -17.42 -32.16
CA VAL B 100 9.37 -16.37 -33.15
C VAL B 100 9.08 -16.86 -34.56
N TRP B 101 8.18 -16.15 -35.24
CA TRP B 101 7.95 -16.40 -36.66
C TRP B 101 8.54 -15.26 -37.49
N THR B 102 9.27 -15.61 -38.54
CA THR B 102 9.88 -14.63 -39.41
C THR B 102 9.77 -15.09 -40.86
N PRO B 103 9.75 -14.14 -41.81
CA PRO B 103 9.71 -14.51 -43.23
C PRO B 103 10.91 -15.35 -43.68
N TYR B 104 10.68 -16.19 -44.68
CA TYR B 104 11.73 -16.99 -45.30
C TYR B 104 11.91 -16.55 -46.74
N PRO B 105 13.09 -15.99 -47.06
CA PRO B 105 14.24 -15.82 -46.17
C PRO B 105 14.13 -14.62 -45.22
N ARG B 106 15.00 -14.60 -44.22
CA ARG B 106 15.06 -13.54 -43.22
C ARG B 106 15.12 -12.15 -43.87
N PRO B 107 14.34 -11.20 -43.36
CA PRO B 107 14.37 -9.82 -43.86
C PRO B 107 15.75 -9.19 -43.76
N THR B 108 16.12 -8.39 -44.76
CA THR B 108 17.42 -7.73 -44.78
C THR B 108 17.35 -6.34 -44.15
N SER B 109 16.13 -5.81 -44.06
CA SER B 109 15.89 -4.54 -43.39
C SER B 109 14.90 -4.76 -42.25
N PRO B 110 15.10 -4.05 -41.12
CA PRO B 110 14.27 -4.20 -39.92
C PRO B 110 12.77 -4.10 -40.21
N THR B 111 12.05 -5.16 -39.90
CA THR B 111 10.62 -5.23 -40.13
C THR B 111 9.85 -5.18 -38.81
N PRO B 112 8.66 -4.55 -38.82
CA PRO B 112 7.82 -4.37 -37.62
C PRO B 112 7.50 -5.68 -36.91
N VAL B 113 7.43 -5.61 -35.58
CA VAL B 113 7.25 -6.80 -34.76
C VAL B 113 5.89 -6.83 -34.07
N LEU B 114 5.19 -7.95 -34.22
CA LEU B 114 3.93 -8.18 -33.55
C LEU B 114 4.12 -9.18 -32.41
N VAL B 115 3.77 -8.78 -31.19
CA VAL B 115 3.91 -9.67 -30.04
C VAL B 115 2.56 -10.03 -29.43
N TRP B 116 2.22 -11.32 -29.46
CA TRP B 116 0.92 -11.80 -28.99
C TRP B 116 0.94 -12.25 -27.53
N ILE B 117 -0.06 -11.84 -26.78
CA ILE B 117 -0.26 -12.30 -25.40
C ILE B 117 -1.63 -12.95 -25.28
N TYR B 118 -1.65 -14.26 -25.07
CA TYR B 118 -2.91 -15.00 -25.04
C TYR B 118 -3.76 -14.65 -23.83
N GLY B 119 -5.03 -14.88 -23.95
CA GLY B 119 -5.98 -14.74 -22.89
C GLY B 119 -6.21 -16.04 -22.19
N GLY B 120 -7.25 -16.08 -21.40
CA GLY B 120 -7.58 -17.24 -20.62
C GLY B 120 -7.91 -16.95 -19.19
N GLY B 121 -8.22 -15.69 -18.92
CA GLY B 121 -8.61 -15.25 -17.62
C GLY B 121 -7.58 -15.30 -16.52
N PHE B 122 -6.32 -15.33 -16.89
CA PHE B 122 -5.17 -15.43 -16.02
C PHE B 122 -5.06 -16.79 -15.35
N TYR B 123 -5.90 -17.75 -15.71
CA TYR B 123 -5.84 -19.08 -15.15
C TYR B 123 -5.56 -20.17 -16.17
N SER B 124 -5.48 -19.80 -17.42
CA SER B 124 -5.29 -20.72 -18.51
C SER B 124 -4.77 -20.07 -19.75
N GLY B 125 -4.54 -20.87 -20.76
CA GLY B 125 -4.04 -20.36 -22.02
C GLY B 125 -2.66 -20.87 -22.34
N ALA B 126 -2.28 -20.79 -23.61
CA ALA B 126 -0.96 -21.20 -24.07
C ALA B 126 -0.69 -20.62 -25.44
N SER B 127 0.59 -20.36 -25.74
CA SER B 127 0.96 -19.78 -27.02
C SER B 127 0.93 -20.81 -28.13
N SER B 128 0.71 -22.07 -27.76
CA SER B 128 0.80 -23.17 -28.72
C SER B 128 -0.53 -23.52 -29.37
N LEU B 129 -1.61 -22.91 -28.90
CA LEU B 129 -2.94 -23.18 -29.44
C LEU B 129 -3.00 -22.94 -30.94
N ASP B 130 -3.71 -23.81 -31.64
CA ASP B 130 -3.79 -23.76 -33.10
C ASP B 130 -4.29 -22.41 -33.62
N VAL B 131 -5.15 -21.78 -32.84
CA VAL B 131 -5.78 -20.54 -33.24
C VAL B 131 -4.79 -19.36 -33.12
N TYR B 132 -3.66 -19.60 -32.47
CA TYR B 132 -2.62 -18.57 -32.33
C TYR B 132 -1.45 -18.82 -33.28
N ASP B 133 -1.64 -19.71 -34.24
CA ASP B 133 -0.60 -20.04 -35.22
C ASP B 133 -0.22 -18.80 -36.01
N GLY B 134 1.01 -18.32 -35.81
CA GLY B 134 1.44 -17.05 -36.39
C GLY B 134 2.01 -17.13 -37.79
N ARG B 135 2.00 -18.31 -38.39
CA ARG B 135 2.60 -18.49 -39.70
C ARG B 135 1.87 -17.73 -40.80
N PHE B 136 0.55 -17.56 -40.65
CA PHE B 136 -0.24 -16.94 -41.71
C PHE B 136 -0.09 -15.42 -41.71
N LEU B 137 -0.04 -14.83 -40.53
CA LEU B 137 0.19 -13.39 -40.40
C LEU B 137 1.53 -13.00 -41.00
N VAL B 138 2.57 -13.76 -40.65
CA VAL B 138 3.93 -13.44 -41.06
C VAL B 138 4.12 -13.50 -42.58
N GLN B 139 3.53 -14.52 -43.20
CA GLN B 139 3.64 -14.68 -44.65
C GLN B 139 2.82 -13.64 -45.40
N ALA B 140 1.62 -13.37 -44.91
CA ALA B 140 0.70 -12.46 -45.60
C ALA B 140 1.14 -11.00 -45.52
N GLU B 141 1.68 -10.61 -44.36
CA GLU B 141 1.91 -9.19 -44.10
C GLU B 141 3.37 -8.81 -43.85
N ARG B 142 4.27 -9.79 -44.01
CA ARG B 142 5.71 -9.54 -43.93
C ARG B 142 6.15 -8.88 -42.62
N THR B 143 5.61 -9.36 -41.50
CA THR B 143 6.06 -8.90 -40.20
C THR B 143 6.73 -10.05 -39.44
N VAL B 144 7.35 -9.72 -38.32
CA VAL B 144 7.87 -10.74 -37.42
C VAL B 144 6.87 -10.91 -36.27
N LEU B 145 6.52 -12.15 -35.96
CA LEU B 145 5.57 -12.40 -34.88
C LEU B 145 6.21 -13.13 -33.72
N VAL B 146 5.95 -12.65 -32.51
CA VAL B 146 6.46 -13.25 -31.30
C VAL B 146 5.31 -13.57 -30.35
N SER B 147 5.36 -14.73 -29.71
CA SER B 147 4.40 -15.07 -28.67
C SER B 147 5.12 -15.80 -27.54
N MET B 148 4.66 -15.60 -26.31
CA MET B 148 5.30 -16.23 -25.17
C MET B 148 4.30 -16.93 -24.26
N ASN B 149 4.78 -17.94 -23.55
CA ASN B 149 4.04 -18.48 -22.43
C ASN B 149 4.33 -17.68 -21.17
N TYR B 150 3.31 -17.53 -20.33
CA TYR B 150 3.49 -16.91 -19.03
C TYR B 150 2.71 -17.72 -18.01
N ARG B 151 3.22 -17.78 -16.79
CA ARG B 151 2.57 -18.56 -15.75
C ARG B 151 1.17 -18.04 -15.45
N VAL B 152 0.25 -18.98 -15.24
CA VAL B 152 -1.13 -18.64 -14.95
C VAL B 152 -1.56 -19.28 -13.64
N GLY B 153 -2.77 -18.98 -13.19
CA GLY B 153 -3.28 -19.51 -11.94
C GLY B 153 -2.43 -19.09 -10.75
N ALA B 154 -2.39 -19.94 -9.74
CA ALA B 154 -1.61 -19.65 -8.54
C ALA B 154 -0.13 -19.50 -8.86
N PHE B 155 0.36 -20.27 -9.83
CA PHE B 155 1.77 -20.26 -10.18
C PHE B 155 2.19 -18.90 -10.74
N GLY B 156 1.24 -18.17 -11.30
CA GLY B 156 1.54 -16.90 -11.91
C GLY B 156 1.05 -15.69 -11.13
N PHE B 157 0.03 -15.87 -10.29
CA PHE B 157 -0.60 -14.71 -9.67
C PHE B 157 -1.06 -14.89 -8.23
N LEU B 158 -0.70 -16.01 -7.60
CA LEU B 158 -0.91 -16.11 -6.15
C LEU B 158 -0.04 -15.07 -5.48
N ALA B 159 -0.61 -14.33 -4.54
CA ALA B 159 0.09 -13.22 -3.94
C ALA B 159 -0.16 -13.13 -2.44
N LEU B 160 0.94 -13.13 -1.68
CA LEU B 160 0.90 -12.66 -0.31
C LEU B 160 1.70 -11.36 -0.28
N PRO B 161 1.05 -10.24 -0.62
CA PRO B 161 1.68 -8.93 -0.83
C PRO B 161 2.63 -8.55 0.31
N GLY B 162 3.79 -8.01 -0.04
CA GLY B 162 4.79 -7.66 0.95
C GLY B 162 5.87 -8.73 1.08
N SER B 163 5.46 -9.98 0.96
CA SER B 163 6.41 -11.10 1.05
C SER B 163 7.29 -11.16 -0.20
N ARG B 164 8.50 -11.65 -0.03
CA ARG B 164 9.41 -11.81 -1.16
C ARG B 164 9.33 -13.22 -1.74
N GLU B 165 8.67 -14.13 -1.01
CA GLU B 165 8.58 -15.51 -1.47
CA GLU B 165 8.54 -15.53 -1.43
C GLU B 165 7.47 -15.69 -2.51
N ALA B 166 6.48 -14.82 -2.49
CA ALA B 166 5.47 -14.78 -3.55
C ALA B 166 4.82 -13.40 -3.58
N PRO B 167 5.52 -12.44 -4.20
CA PRO B 167 5.10 -11.03 -4.27
C PRO B 167 3.87 -10.84 -5.15
N GLY B 168 3.62 -11.78 -6.05
CA GLY B 168 2.51 -11.68 -6.97
C GLY B 168 2.92 -11.10 -8.30
N ASN B 169 2.01 -11.14 -9.27
CA ASN B 169 2.22 -10.57 -10.60
C ASN B 169 3.42 -11.15 -11.35
N VAL B 170 3.92 -12.31 -10.93
CA VAL B 170 5.10 -12.88 -11.57
C VAL B 170 4.75 -13.31 -13.00
N GLY B 171 3.49 -13.63 -13.24
CA GLY B 171 3.02 -13.95 -14.58
C GLY B 171 3.17 -12.76 -15.51
N LEU B 172 2.93 -11.56 -14.99
CA LEU B 172 3.15 -10.34 -15.75
C LEU B 172 4.64 -10.09 -15.97
N LEU B 173 5.44 -10.47 -14.97
CA LEU B 173 6.89 -10.33 -15.07
C LEU B 173 7.45 -11.30 -16.09
N ASP B 174 6.81 -12.46 -16.23
CA ASP B 174 7.13 -13.39 -17.30
C ASP B 174 6.96 -12.70 -18.64
N GLN B 175 5.83 -12.00 -18.79
CA GLN B 175 5.55 -11.26 -20.02
C GLN B 175 6.58 -10.17 -20.25
N ARG B 176 6.93 -9.44 -19.19
CA ARG B 176 7.92 -8.38 -19.28
C ARG B 176 9.28 -8.90 -19.70
N LEU B 177 9.69 -10.02 -19.11
CA LEU B 177 10.98 -10.64 -19.43
C LEU B 177 11.02 -11.01 -20.90
N ALA B 178 9.89 -11.52 -21.41
CA ALA B 178 9.79 -11.90 -22.82
C ALA B 178 9.92 -10.67 -23.71
N LEU B 179 9.34 -9.55 -23.28
CA LEU B 179 9.41 -8.30 -24.03
C LEU B 179 10.84 -7.75 -24.06
N GLN B 180 11.54 -7.89 -22.94
CA GLN B 180 12.95 -7.49 -22.86
C GLN B 180 13.79 -8.35 -23.79
N TRP B 181 13.44 -9.64 -23.87
CA TRP B 181 14.10 -10.57 -24.76
C TRP B 181 13.92 -10.12 -26.21
N VAL B 182 12.73 -9.65 -26.52
CA VAL B 182 12.42 -9.14 -27.86
C VAL B 182 13.31 -7.93 -28.17
N GLN B 183 13.42 -7.01 -27.22
CA GLN B 183 14.26 -5.83 -27.40
C GLN B 183 15.71 -6.19 -27.70
N GLU B 184 16.21 -7.20 -27.00
CA GLU B 184 17.63 -7.56 -27.11
C GLU B 184 17.93 -8.50 -28.28
N ASN B 185 16.94 -9.26 -28.73
CA ASN B 185 17.22 -10.35 -29.67
C ASN B 185 16.43 -10.39 -30.97
N VAL B 186 15.36 -9.61 -31.09
CA VAL B 186 14.49 -9.73 -32.26
C VAL B 186 15.19 -9.28 -33.54
N ALA B 187 16.23 -8.45 -33.39
CA ALA B 187 16.98 -7.96 -34.55
C ALA B 187 17.69 -9.10 -35.27
N ALA B 188 18.08 -10.12 -34.52
CA ALA B 188 18.76 -11.28 -35.08
C ALA B 188 17.85 -12.06 -36.02
N PHE B 189 16.55 -11.91 -35.84
CA PHE B 189 15.57 -12.56 -36.70
C PHE B 189 15.10 -11.62 -37.80
N GLY B 190 15.63 -10.40 -37.78
CA GLY B 190 15.28 -9.40 -38.77
C GLY B 190 14.17 -8.47 -38.31
N GLY B 191 13.86 -8.52 -37.02
CA GLY B 191 12.81 -7.70 -36.47
C GLY B 191 13.32 -6.34 -36.01
N ASP B 192 12.42 -5.36 -36.01
CA ASP B 192 12.76 -4.00 -35.60
C ASP B 192 12.35 -3.78 -34.14
N PRO B 193 13.35 -3.68 -33.25
CA PRO B 193 13.07 -3.45 -31.83
C PRO B 193 12.53 -2.03 -31.55
N THR B 194 12.52 -1.18 -32.56
CA THR B 194 11.99 0.18 -32.41
C THR B 194 10.56 0.26 -32.92
N SER B 195 10.06 -0.84 -33.47
CA SER B 195 8.68 -0.91 -33.93
C SER B 195 8.00 -2.19 -33.43
N VAL B 196 7.64 -2.19 -32.15
CA VAL B 196 7.02 -3.37 -31.54
C VAL B 196 5.58 -3.08 -31.09
N THR B 197 4.66 -3.88 -31.60
CA THR B 197 3.25 -3.72 -31.28
C THR B 197 2.72 -4.88 -30.44
N LEU B 198 2.25 -4.58 -29.23
CA LEU B 198 1.62 -5.60 -28.40
C LEU B 198 0.17 -5.80 -28.83
N PHE B 199 -0.29 -7.04 -28.80
CA PHE B 199 -1.69 -7.32 -29.01
C PHE B 199 -2.09 -8.57 -28.22
N GLY B 200 -3.26 -8.54 -27.63
CA GLY B 200 -3.84 -9.58 -26.80
C GLY B 200 -5.35 -9.61 -26.72
N GLU B 201 -5.93 -10.66 -26.17
CA GLU B 201 -7.37 -10.78 -26.07
C GLU B 201 -7.77 -11.30 -24.69
N SER B 202 -8.91 -10.88 -24.13
CA SER B 202 -9.31 -11.33 -22.80
C SER B 202 -8.22 -10.93 -21.82
N ALA B 203 -7.80 -11.84 -20.94
CA ALA B 203 -6.74 -11.51 -20.04
C ALA B 203 -5.48 -10.97 -20.76
N GLY B 204 -5.23 -11.41 -21.98
CA GLY B 204 -4.16 -10.91 -22.78
C GLY B 204 -4.31 -9.42 -23.10
N ALA B 205 -5.50 -8.95 -23.41
CA ALA B 205 -5.74 -7.54 -23.63
C ALA B 205 -5.53 -6.74 -22.34
N ALA B 206 -6.03 -7.28 -21.24
CA ALA B 206 -5.83 -6.66 -19.93
C ALA B 206 -4.35 -6.60 -19.60
N SER B 207 -3.61 -7.64 -19.99
CA SER B 207 -2.17 -7.67 -19.78
C SER B 207 -1.48 -6.57 -20.57
N VAL B 208 -1.86 -6.44 -21.84
CA VAL B 208 -1.34 -5.40 -22.71
C VAL B 208 -1.55 -4.01 -22.08
N GLY B 209 -2.74 -3.80 -21.52
CA GLY B 209 -3.07 -2.55 -20.88
C GLY B 209 -2.22 -2.27 -19.65
N MET B 210 -1.91 -3.31 -18.89
CA MET B 210 -1.12 -3.15 -17.68
C MET B 210 0.33 -2.80 -18.00
N HIS B 211 0.82 -3.28 -19.14
CA HIS B 211 2.16 -2.91 -19.59
C HIS B 211 2.20 -1.44 -20.00
N LEU B 212 1.06 -0.94 -20.48
CA LEU B 212 0.95 0.48 -20.81
C LEU B 212 1.00 1.35 -19.57
N LEU B 213 0.48 0.82 -18.47
CA LEU B 213 0.34 1.60 -17.23
C LEU B 213 1.48 1.33 -16.25
N SER B 214 2.45 0.52 -16.68
CA SER B 214 3.61 0.24 -15.85
C SER B 214 4.88 0.67 -16.58
N PRO B 215 5.51 1.76 -16.11
CA PRO B 215 6.67 2.39 -16.75
C PRO B 215 7.82 1.45 -17.17
N PRO B 216 8.19 0.46 -16.33
CA PRO B 216 9.27 -0.41 -16.83
C PRO B 216 8.90 -1.21 -18.07
N SER B 217 7.60 -1.43 -18.28
CA SER B 217 7.14 -2.15 -19.47
C SER B 217 6.99 -1.22 -20.66
N ARG B 218 6.60 0.01 -20.37
CA ARG B 218 6.22 0.98 -21.41
C ARG B 218 7.34 1.26 -22.42
N GLY B 219 8.59 1.12 -21.98
CA GLY B 219 9.71 1.36 -22.86
C GLY B 219 10.02 0.20 -23.80
N LEU B 220 9.31 -0.91 -23.62
CA LEU B 220 9.60 -2.13 -24.37
C LEU B 220 8.73 -2.29 -25.61
N PHE B 221 7.80 -1.36 -25.84
CA PHE B 221 6.96 -1.41 -27.03
C PHE B 221 6.46 -0.03 -27.41
N HIS B 222 5.75 0.06 -28.53
CA HIS B 222 5.40 1.35 -29.10
C HIS B 222 3.92 1.49 -29.43
N ARG B 223 3.26 0.37 -29.72
CA ARG B 223 1.84 0.38 -30.03
C ARG B 223 1.13 -0.77 -29.33
N ALA B 224 -0.18 -0.66 -29.20
CA ALA B 224 -0.95 -1.65 -28.45
C ALA B 224 -2.29 -1.95 -29.11
N VAL B 225 -2.66 -3.23 -29.08
CA VAL B 225 -3.98 -3.66 -29.53
C VAL B 225 -4.68 -4.43 -28.43
N LEU B 226 -5.84 -3.95 -28.00
CA LEU B 226 -6.59 -4.60 -26.93
C LEU B 226 -7.89 -5.17 -27.45
N GLN B 227 -7.94 -6.48 -27.62
CA GLN B 227 -9.12 -7.15 -28.12
C GLN B 227 -9.98 -7.70 -26.99
N SER B 228 -11.17 -7.13 -26.83
CA SER B 228 -12.16 -7.62 -25.85
C SER B 228 -11.60 -7.73 -24.44
N GLY B 229 -10.87 -6.72 -24.00
CA GLY B 229 -10.31 -6.73 -22.67
C GLY B 229 -9.65 -5.42 -22.31
N ALA B 230 -9.58 -5.14 -21.02
CA ALA B 230 -8.99 -3.91 -20.51
C ALA B 230 -8.47 -4.14 -19.10
N PRO B 231 -7.39 -3.44 -18.73
CA PRO B 231 -6.81 -3.63 -17.39
C PRO B 231 -7.75 -3.17 -16.28
N ASN B 232 -8.71 -2.31 -16.61
CA ASN B 232 -9.63 -1.76 -15.62
C ASN B 232 -10.92 -2.57 -15.45
N GLY B 233 -10.97 -3.74 -16.08
CA GLY B 233 -12.10 -4.64 -15.90
C GLY B 233 -12.19 -5.11 -14.45
N PRO B 234 -13.42 -5.33 -13.96
CA PRO B 234 -13.67 -5.71 -12.56
C PRO B 234 -13.13 -7.11 -12.21
N TRP B 235 -12.59 -7.82 -13.19
CA TRP B 235 -12.03 -9.14 -12.98
C TRP B 235 -10.53 -9.22 -13.19
N ALA B 236 -9.95 -8.22 -13.82
CA ALA B 236 -8.56 -8.25 -14.27
C ALA B 236 -7.58 -7.97 -13.13
N THR B 237 -8.03 -7.24 -12.12
CA THR B 237 -7.19 -6.98 -10.96
C THR B 237 -7.90 -7.31 -9.66
N VAL B 238 -7.12 -7.42 -8.59
CA VAL B 238 -7.66 -7.69 -7.27
C VAL B 238 -6.88 -6.89 -6.24
N GLY B 239 -7.51 -6.58 -5.11
CA GLY B 239 -6.84 -5.82 -4.06
C GLY B 239 -5.88 -6.69 -3.28
N MET B 240 -4.98 -6.05 -2.55
CA MET B 240 -3.97 -6.76 -1.76
C MET B 240 -4.58 -7.65 -0.68
N GLY B 241 -5.58 -7.11 0.00
CA GLY B 241 -6.24 -7.84 1.07
C GLY B 241 -6.98 -9.07 0.56
N GLU B 242 -7.68 -8.91 -0.56
CA GLU B 242 -8.42 -10.01 -1.15
C GLU B 242 -7.46 -11.04 -1.77
N ALA B 243 -6.36 -10.57 -2.33
CA ALA B 243 -5.33 -11.45 -2.88
C ALA B 243 -4.73 -12.30 -1.77
N ARG B 244 -4.43 -11.66 -0.64
CA ARG B 244 -3.87 -12.37 0.50
C ARG B 244 -4.88 -13.37 1.05
N ARG B 245 -6.16 -12.99 1.07
CA ARG B 245 -7.21 -13.85 1.57
C ARG B 245 -7.33 -15.12 0.73
N ARG B 246 -7.26 -14.97 -0.59
CA ARG B 246 -7.38 -16.11 -1.49
C ARG B 246 -6.16 -17.02 -1.42
N ALA B 247 -4.99 -16.42 -1.23
CA ALA B 247 -3.75 -17.18 -1.13
C ALA B 247 -3.74 -18.05 0.12
N THR B 248 -4.11 -17.47 1.26
CA THR B 248 -4.10 -18.20 2.52
C THR B 248 -5.20 -19.25 2.55
N GLN B 249 -6.31 -18.97 1.88
CA GLN B 249 -7.40 -19.93 1.78
C GLN B 249 -6.96 -21.15 0.97
N LEU B 250 -6.25 -20.90 -0.12
CA LEU B 250 -5.72 -21.98 -0.94
C LEU B 250 -4.72 -22.82 -0.13
N ALA B 251 -3.84 -22.12 0.57
CA ALA B 251 -2.86 -22.77 1.44
C ALA B 251 -3.57 -23.64 2.48
N HIS B 252 -4.61 -23.09 3.09
CA HIS B 252 -5.40 -23.80 4.09
C HIS B 252 -6.04 -25.05 3.52
N LEU B 253 -6.55 -24.95 2.29
CA LEU B 253 -7.27 -26.06 1.66
C LEU B 253 -6.35 -27.23 1.30
N VAL B 254 -5.06 -26.96 1.15
CA VAL B 254 -4.11 -28.00 0.79
C VAL B 254 -3.22 -28.39 1.98
N GLY B 255 -3.58 -27.88 3.16
CA GLY B 255 -2.93 -28.29 4.38
C GLY B 255 -1.72 -27.47 4.80
N CYS B 256 -1.70 -26.19 4.43
CA CYS B 256 -0.59 -25.32 4.80
C CYS B 256 -1.06 -24.18 5.70
N PRO B 257 -0.61 -24.17 6.97
CA PRO B 257 0.30 -25.17 7.54
C PRO B 257 -0.45 -26.35 8.14
N GLY B 262 12.54 -17.93 10.02
CA GLY B 262 11.94 -17.26 8.89
C GLY B 262 10.78 -16.36 9.27
N GLY B 263 9.57 -16.89 9.17
CA GLY B 263 8.36 -16.13 9.46
C GLY B 263 7.12 -16.79 8.88
N ASN B 264 5.95 -16.20 9.15
CA ASN B 264 4.68 -16.78 8.73
C ASN B 264 4.54 -16.94 7.22
N ASP B 265 4.84 -15.88 6.46
CA ASP B 265 4.71 -15.94 5.01
C ASP B 265 5.74 -16.88 4.38
N THR B 266 6.97 -16.82 4.86
CA THR B 266 8.04 -17.69 4.36
C THR B 266 7.67 -19.17 4.56
N GLU B 267 7.17 -19.49 5.75
CA GLU B 267 6.80 -20.87 6.08
C GLU B 267 5.60 -21.35 5.27
N LEU B 268 4.65 -20.45 5.03
CA LEU B 268 3.43 -20.80 4.30
C LEU B 268 3.74 -21.10 2.83
N VAL B 269 4.56 -20.25 2.22
CA VAL B 269 4.94 -20.45 0.82
C VAL B 269 5.81 -21.69 0.68
N ALA B 270 6.70 -21.89 1.65
CA ALA B 270 7.57 -23.07 1.65
C ALA B 270 6.73 -24.34 1.66
N CYS B 271 5.67 -24.34 2.44
CA CYS B 271 4.77 -25.49 2.51
C CYS B 271 3.99 -25.63 1.20
N LEU B 272 3.60 -24.50 0.60
CA LEU B 272 2.92 -24.51 -0.68
C LEU B 272 3.79 -25.08 -1.78
N ARG B 273 5.09 -24.82 -1.69
CA ARG B 273 6.04 -25.26 -2.71
C ARG B 273 6.26 -26.77 -2.69
N THR B 274 5.89 -27.42 -1.59
CA THR B 274 6.04 -28.87 -1.50
C THR B 274 4.82 -29.59 -2.07
N ARG B 275 3.78 -28.83 -2.38
CA ARG B 275 2.56 -29.42 -2.93
C ARG B 275 2.71 -29.64 -4.44
N PRO B 276 2.28 -30.81 -4.93
CA PRO B 276 2.25 -31.09 -6.37
C PRO B 276 1.42 -30.04 -7.10
N ALA B 277 1.82 -29.71 -8.31
CA ALA B 277 1.17 -28.66 -9.09
C ALA B 277 -0.33 -28.91 -9.25
N GLN B 278 -0.68 -30.15 -9.58
CA GLN B 278 -2.08 -30.51 -9.81
C GLN B 278 -2.93 -30.32 -8.56
N VAL B 279 -2.33 -30.54 -7.39
CA VAL B 279 -3.04 -30.37 -6.13
C VAL B 279 -3.51 -28.93 -5.95
N LEU B 280 -2.64 -27.97 -6.26
CA LEU B 280 -3.00 -26.56 -6.20
C LEU B 280 -4.14 -26.25 -7.17
N VAL B 281 -3.99 -26.73 -8.41
CA VAL B 281 -4.99 -26.53 -9.45
C VAL B 281 -6.36 -27.06 -9.04
N ASN B 282 -6.37 -28.21 -8.36
CA ASN B 282 -7.61 -28.86 -7.95
C ASN B 282 -8.46 -28.02 -6.99
N HIS B 283 -7.82 -27.13 -6.25
CA HIS B 283 -8.53 -26.33 -5.27
C HIS B 283 -8.63 -24.86 -5.67
N GLU B 284 -8.13 -24.54 -6.86
CA GLU B 284 -8.04 -23.16 -7.33
C GLU B 284 -9.37 -22.41 -7.29
N TRP B 285 -10.40 -22.99 -7.84
CA TRP B 285 -11.70 -22.39 -7.91
C TRP B 285 -12.42 -22.21 -6.60
N HIS B 286 -12.01 -22.94 -5.59
CA HIS B 286 -12.70 -22.95 -4.30
C HIS B 286 -12.45 -21.70 -3.46
N VAL B 287 -11.54 -20.82 -3.90
CA VAL B 287 -11.18 -19.66 -3.11
C VAL B 287 -11.95 -18.40 -3.49
N LEU B 288 -12.84 -18.51 -4.47
CA LEU B 288 -13.68 -17.38 -4.85
C LEU B 288 -14.70 -17.09 -3.76
N PRO B 289 -14.89 -15.80 -3.42
CA PRO B 289 -15.76 -15.36 -2.32
C PRO B 289 -17.24 -15.75 -2.52
N GLN B 290 -17.69 -15.88 -3.76
CA GLN B 290 -19.06 -16.30 -4.01
C GLN B 290 -19.23 -16.98 -5.35
N GLU B 291 -20.41 -17.58 -5.54
CA GLU B 291 -20.81 -18.16 -6.81
C GLU B 291 -20.90 -17.05 -7.87
N SER B 292 -20.19 -17.22 -8.98
CA SER B 292 -20.10 -16.15 -9.97
C SER B 292 -19.71 -16.64 -11.37
N VAL B 293 -19.79 -15.73 -12.33
CA VAL B 293 -19.25 -15.96 -13.67
C VAL B 293 -18.33 -14.81 -14.04
N PHE B 294 -17.37 -15.06 -14.89
CA PHE B 294 -16.40 -14.08 -15.27
C PHE B 294 -15.57 -13.61 -14.06
N ARG B 295 -15.30 -14.49 -13.11
CA ARG B 295 -14.44 -14.15 -11.98
C ARG B 295 -13.38 -15.22 -11.85
N PHE B 296 -12.14 -14.80 -11.68
CA PHE B 296 -11.00 -15.70 -11.61
C PHE B 296 -10.20 -15.57 -10.34
N SER B 297 -9.79 -16.68 -9.78
CA SER B 297 -9.16 -16.72 -8.47
C SER B 297 -7.87 -15.90 -8.37
N PHE B 298 -6.92 -16.18 -9.25
CA PHE B 298 -5.62 -15.55 -9.14
C PHE B 298 -5.32 -14.67 -10.35
N VAL B 299 -5.38 -13.37 -10.13
CA VAL B 299 -5.24 -12.36 -11.19
C VAL B 299 -4.21 -11.33 -10.73
N PRO B 300 -3.78 -10.43 -11.63
CA PRO B 300 -2.88 -9.34 -11.22
C PRO B 300 -3.35 -8.59 -9.96
N VAL B 301 -2.42 -8.29 -9.07
CA VAL B 301 -2.74 -7.62 -7.81
C VAL B 301 -2.24 -6.18 -7.82
N VAL B 302 -3.10 -5.26 -7.40
CA VAL B 302 -2.71 -3.87 -7.26
C VAL B 302 -1.97 -3.67 -5.94
N ASP B 303 -0.66 -3.64 -6.01
CA ASP B 303 0.18 -3.52 -4.85
C ASP B 303 1.14 -2.37 -4.76
N GLY B 304 1.10 -1.45 -5.69
CA GLY B 304 2.02 -0.37 -5.68
C GLY B 304 3.31 -0.64 -6.39
N ASP B 305 3.51 -1.84 -6.89
CA ASP B 305 4.74 -2.16 -7.55
C ASP B 305 4.59 -2.23 -9.04
N PHE B 306 4.11 -3.32 -9.59
CA PHE B 306 3.91 -3.39 -11.02
C PHE B 306 2.88 -2.32 -11.39
N LEU B 307 1.83 -2.25 -10.61
CA LEU B 307 0.84 -1.20 -10.73
C LEU B 307 0.91 -0.30 -9.50
N SER B 308 1.36 0.94 -9.69
CA SER B 308 1.50 1.88 -8.58
C SER B 308 0.14 2.30 -8.02
N ASP B 309 -0.89 2.15 -8.85
CA ASP B 309 -2.25 2.46 -8.44
C ASP B 309 -3.20 1.54 -9.21
N THR B 310 -4.50 1.68 -8.97
CA THR B 310 -5.49 0.94 -9.75
C THR B 310 -5.38 1.34 -11.21
N PRO B 311 -5.72 0.41 -12.12
CA PRO B 311 -5.73 0.74 -13.55
C PRO B 311 -6.60 1.96 -13.86
N GLU B 312 -7.73 2.09 -13.17
CA GLU B 312 -8.61 3.25 -13.33
C GLU B 312 -7.88 4.56 -13.08
N ALA B 313 -7.24 4.66 -11.92
CA ALA B 313 -6.50 5.86 -11.53
C ALA B 313 -5.37 6.17 -12.50
N LEU B 314 -4.62 5.15 -12.88
CA LEU B 314 -3.48 5.33 -13.78
C LEU B 314 -3.92 5.79 -15.16
N ILE B 315 -5.04 5.25 -15.62
CA ILE B 315 -5.62 5.66 -16.90
C ILE B 315 -6.04 7.14 -16.85
N ASN B 316 -6.78 7.50 -15.80
CA ASN B 316 -7.29 8.86 -15.66
C ASN B 316 -6.21 9.91 -15.45
N ALA B 317 -5.07 9.50 -14.92
CA ALA B 317 -3.99 10.42 -14.59
C ALA B 317 -2.85 10.37 -15.61
N GLY B 318 -3.02 9.56 -16.66
CA GLY B 318 -1.95 9.32 -17.59
C GLY B 318 -1.86 10.29 -18.76
N ASP B 319 -0.63 10.60 -19.16
CA ASP B 319 -0.37 11.37 -20.37
C ASP B 319 0.00 10.39 -21.49
N PHE B 320 -0.90 10.25 -22.46
CA PHE B 320 -0.74 9.23 -23.48
C PHE B 320 -0.42 9.80 -24.86
N HIS B 321 0.22 10.96 -24.89
CA HIS B 321 0.67 11.54 -26.16
C HIS B 321 1.78 10.69 -26.76
N GLY B 322 1.68 10.44 -28.07
CA GLY B 322 2.68 9.64 -28.76
C GLY B 322 2.34 8.17 -28.78
N LEU B 323 1.10 7.84 -28.43
CA LEU B 323 0.65 6.46 -28.38
C LEU B 323 -0.53 6.21 -29.32
N GLN B 324 -0.43 5.14 -30.11
CA GLN B 324 -1.57 4.70 -30.90
C GLN B 324 -2.08 3.37 -30.36
N VAL B 325 -3.40 3.27 -30.19
CA VAL B 325 -4.00 2.02 -29.72
C VAL B 325 -5.16 1.59 -30.61
N LEU B 326 -5.33 0.28 -30.74
CA LEU B 326 -6.45 -0.30 -31.44
C LEU B 326 -7.25 -1.14 -30.45
N VAL B 327 -8.51 -0.80 -30.24
CA VAL B 327 -9.34 -1.53 -29.28
C VAL B 327 -10.63 -1.99 -29.92
N GLY B 328 -11.27 -2.97 -29.31
CA GLY B 328 -12.55 -3.43 -29.83
C GLY B 328 -13.14 -4.60 -29.08
N VAL B 329 -14.36 -4.96 -29.47
CA VAL B 329 -15.10 -6.03 -28.83
C VAL B 329 -15.77 -6.88 -29.88
N VAL B 330 -16.21 -8.07 -29.50
CA VAL B 330 -17.08 -8.86 -30.37
C VAL B 330 -18.52 -8.45 -30.09
N LYS B 331 -19.44 -8.91 -30.93
CA LYS B 331 -20.82 -8.48 -30.85
C LYS B 331 -21.52 -8.96 -29.57
N ASP B 332 -21.13 -10.13 -29.09
CA ASP B 332 -21.76 -10.71 -27.90
C ASP B 332 -20.74 -11.14 -26.85
N GLU B 333 -20.23 -10.18 -26.09
CA GLU B 333 -19.20 -10.44 -25.10
C GLU B 333 -19.67 -11.27 -23.91
N GLY B 334 -20.95 -11.21 -23.61
CA GLY B 334 -21.47 -11.82 -22.40
C GLY B 334 -21.93 -13.27 -22.52
N SER B 335 -22.23 -13.71 -23.74
CA SER B 335 -22.87 -15.01 -23.96
C SER B 335 -22.02 -16.21 -23.54
N TYR B 336 -20.72 -16.17 -23.77
CA TYR B 336 -19.88 -17.34 -23.52
C TYR B 336 -19.82 -17.79 -22.11
N PHE B 337 -19.67 -16.86 -21.22
CA PHE B 337 -19.56 -17.14 -19.82
C PHE B 337 -20.84 -17.44 -19.07
N LEU B 338 -21.96 -17.28 -19.74
CA LEU B 338 -23.26 -17.51 -19.13
C LEU B 338 -23.52 -18.99 -18.88
N VAL B 339 -22.96 -19.84 -19.72
CA VAL B 339 -23.14 -21.25 -19.60
C VAL B 339 -22.30 -21.84 -18.49
N TYR B 340 -21.48 -21.02 -17.89
CA TYR B 340 -20.62 -21.45 -16.81
C TYR B 340 -21.18 -21.23 -15.42
N GLY B 341 -22.46 -21.00 -15.32
CA GLY B 341 -23.05 -20.84 -14.02
C GLY B 341 -24.31 -20.04 -13.87
N ALA B 342 -24.70 -19.31 -14.88
CA ALA B 342 -25.93 -18.55 -14.82
C ALA B 342 -27.07 -19.52 -14.89
N PRO B 343 -28.04 -19.36 -14.02
CA PRO B 343 -29.17 -20.29 -13.97
C PRO B 343 -29.98 -20.33 -15.22
N GLY B 344 -30.27 -21.53 -15.69
CA GLY B 344 -31.04 -21.71 -16.90
C GLY B 344 -30.29 -21.62 -18.20
N PHE B 345 -28.98 -21.54 -18.13
CA PHE B 345 -28.18 -21.42 -19.35
C PHE B 345 -27.48 -22.72 -19.74
N SER B 346 -27.45 -22.97 -21.04
CA SER B 346 -26.78 -24.13 -21.61
C SER B 346 -26.53 -23.91 -23.10
N LYS B 347 -25.50 -24.56 -23.63
CA LYS B 347 -25.22 -24.50 -25.07
C LYS B 347 -26.20 -25.36 -25.86
N ASP B 348 -26.76 -26.30 -25.13
CA ASP B 348 -27.65 -27.30 -25.67
C ASP B 348 -29.14 -26.98 -25.74
N ASN B 349 -29.54 -25.87 -25.17
CA ASN B 349 -30.92 -25.39 -25.25
C ASN B 349 -30.90 -23.90 -25.59
N GLU B 350 -32.05 -23.31 -25.84
CA GLU B 350 -32.10 -21.92 -26.19
C GLU B 350 -31.83 -20.98 -25.03
N SER B 351 -31.77 -21.52 -23.85
CA SER B 351 -31.59 -20.78 -22.59
C SER B 351 -32.61 -19.65 -22.42
N LEU B 352 -33.87 -19.95 -22.71
CA LEU B 352 -34.94 -18.97 -22.53
C LEU B 352 -35.32 -18.90 -21.06
N ILE B 353 -34.60 -18.06 -20.31
CA ILE B 353 -34.73 -17.99 -18.87
C ILE B 353 -35.99 -17.23 -18.41
N SER B 354 -36.37 -17.46 -17.16
CA SER B 354 -37.50 -16.77 -16.55
C SER B 354 -37.05 -15.47 -15.90
N ARG B 355 -38.00 -14.71 -15.40
CA ARG B 355 -37.70 -13.46 -14.70
C ARG B 355 -36.92 -13.76 -13.41
N ALA B 356 -37.33 -14.81 -12.71
CA ALA B 356 -36.69 -15.19 -11.45
C ALA B 356 -35.24 -15.64 -11.68
N GLU B 357 -35.02 -16.35 -12.78
CA GLU B 357 -33.67 -16.78 -13.14
C GLU B 357 -32.82 -15.59 -13.56
N PHE B 358 -33.45 -14.61 -14.17
CA PHE B 358 -32.77 -13.38 -14.57
C PHE B 358 -32.25 -12.62 -13.36
N LEU B 359 -33.12 -12.41 -12.38
CA LEU B 359 -32.76 -11.70 -11.16
C LEU B 359 -31.65 -12.43 -10.41
N ALA B 360 -31.73 -13.76 -10.37
CA ALA B 360 -30.71 -14.57 -9.74
C ALA B 360 -29.40 -14.50 -10.53
N GLY B 361 -29.52 -14.45 -11.85
CA GLY B 361 -28.35 -14.37 -12.72
C GLY B 361 -27.59 -13.06 -12.56
N VAL B 362 -28.30 -12.01 -12.20
CA VAL B 362 -27.68 -10.70 -12.01
C VAL B 362 -26.68 -10.71 -10.85
N ARG B 363 -27.03 -11.38 -9.77
CA ARG B 363 -26.13 -11.48 -8.61
C ARG B 363 -24.90 -12.33 -8.93
N VAL B 364 -25.07 -13.26 -9.85
CA VAL B 364 -23.97 -14.09 -10.31
C VAL B 364 -23.11 -13.31 -11.31
N GLY B 365 -23.77 -12.62 -12.23
CA GLY B 365 -23.08 -11.85 -13.25
C GLY B 365 -22.43 -10.58 -12.71
N VAL B 366 -23.00 -10.04 -11.64
CA VAL B 366 -22.41 -8.89 -10.96
C VAL B 366 -22.21 -9.21 -9.48
N PRO B 367 -21.18 -10.02 -9.18
CA PRO B 367 -20.95 -10.49 -7.81
C PRO B 367 -20.31 -9.44 -6.91
N GLN B 368 -20.55 -9.58 -5.60
CA GLN B 368 -19.90 -8.75 -4.58
C GLN B 368 -20.28 -7.27 -4.67
N VAL B 369 -21.55 -6.99 -4.94
CA VAL B 369 -22.06 -5.63 -4.87
C VAL B 369 -23.29 -5.58 -3.97
N SER B 370 -23.63 -4.39 -3.50
CA SER B 370 -24.76 -4.21 -2.60
C SER B 370 -26.08 -4.56 -3.28
N ASP B 371 -27.10 -4.81 -2.47
CA ASP B 371 -28.44 -5.09 -3.00
C ASP B 371 -28.94 -3.91 -3.82
N LEU B 372 -28.60 -2.70 -3.37
CA LEU B 372 -28.96 -1.48 -4.09
C LEU B 372 -28.34 -1.46 -5.48
N ALA B 373 -27.06 -1.81 -5.55
CA ALA B 373 -26.33 -1.85 -6.82
C ALA B 373 -26.98 -2.84 -7.78
N ALA B 374 -27.35 -4.00 -7.25
CA ALA B 374 -28.02 -5.04 -8.03
C ALA B 374 -29.37 -4.56 -8.56
N GLU B 375 -30.09 -3.80 -7.74
CA GLU B 375 -31.37 -3.24 -8.14
C GLU B 375 -31.21 -2.23 -9.26
N ALA B 376 -30.11 -1.48 -9.20
CA ALA B 376 -29.79 -0.50 -10.24
C ALA B 376 -29.55 -1.19 -11.57
N VAL B 377 -28.87 -2.34 -11.53
CA VAL B 377 -28.61 -3.13 -12.72
C VAL B 377 -29.93 -3.63 -13.32
N VAL B 378 -30.79 -4.17 -12.47
CA VAL B 378 -32.09 -4.69 -12.88
C VAL B 378 -32.94 -3.60 -13.52
N LEU B 379 -32.97 -2.43 -12.89
CA LEU B 379 -33.72 -1.28 -13.42
C LEU B 379 -33.29 -0.94 -14.85
N HIS B 380 -31.99 -0.90 -15.05
CA HIS B 380 -31.43 -0.44 -16.32
C HIS B 380 -31.60 -1.47 -17.44
N TYR B 381 -31.54 -2.75 -17.10
CA TYR B 381 -31.55 -3.81 -18.11
C TYR B 381 -32.90 -4.49 -18.25
N THR B 382 -33.89 -4.02 -17.51
CA THR B 382 -35.26 -4.52 -17.66
C THR B 382 -36.03 -3.65 -18.65
N ASP B 383 -36.67 -4.28 -19.63
CA ASP B 383 -37.64 -3.60 -20.47
C ASP B 383 -38.97 -3.65 -19.73
N TRP B 384 -39.42 -2.51 -19.22
CA TRP B 384 -40.58 -2.51 -18.34
C TRP B 384 -41.90 -2.55 -19.09
N LEU B 385 -41.84 -2.66 -20.41
CA LEU B 385 -43.02 -2.97 -21.21
C LEU B 385 -43.08 -4.47 -21.51
N HIS B 386 -41.94 -5.14 -21.34
CA HIS B 386 -41.86 -6.59 -21.49
C HIS B 386 -40.94 -7.18 -20.42
N PRO B 387 -41.30 -7.02 -19.14
CA PRO B 387 -40.37 -7.35 -18.05
C PRO B 387 -40.12 -8.85 -17.87
N GLU B 388 -40.90 -9.70 -18.52
CA GLU B 388 -40.80 -11.14 -18.26
C GLU B 388 -40.62 -11.98 -19.51
N ASP B 389 -40.39 -11.33 -20.65
CA ASP B 389 -40.16 -12.03 -21.90
C ASP B 389 -38.83 -12.78 -21.87
N PRO B 390 -38.89 -14.12 -21.94
CA PRO B 390 -37.71 -15.01 -21.85
C PRO B 390 -36.56 -14.62 -22.79
N ALA B 391 -36.87 -14.43 -24.07
CA ALA B 391 -35.86 -14.09 -25.06
C ALA B 391 -35.15 -12.78 -24.73
N ARG B 392 -35.93 -11.76 -24.34
CA ARG B 392 -35.37 -10.46 -23.96
C ARG B 392 -34.52 -10.56 -22.70
N LEU B 393 -34.97 -11.38 -21.76
CA LEU B 393 -34.24 -11.58 -20.52
C LEU B 393 -32.91 -12.29 -20.74
N ARG B 394 -32.87 -13.21 -21.69
CA ARG B 394 -31.64 -13.91 -22.03
C ARG B 394 -30.60 -12.94 -22.58
N GLU B 395 -31.03 -12.06 -23.47
CA GLU B 395 -30.13 -11.08 -24.08
C GLU B 395 -29.72 -10.02 -23.08
N ALA B 396 -30.64 -9.65 -22.21
CA ALA B 396 -30.38 -8.63 -21.19
C ALA B 396 -29.25 -9.08 -20.26
N LEU B 397 -29.32 -10.33 -19.82
CA LEU B 397 -28.30 -10.86 -18.93
C LEU B 397 -26.96 -10.99 -19.64
N SER B 398 -27.01 -11.34 -20.92
CA SER B 398 -25.81 -11.38 -21.74
C SER B 398 -25.19 -9.99 -21.83
N ASP B 399 -26.04 -8.99 -22.04
CA ASP B 399 -25.60 -7.60 -22.07
C ASP B 399 -25.02 -7.18 -20.73
N VAL B 400 -25.67 -7.58 -19.64
CA VAL B 400 -25.18 -7.27 -18.30
C VAL B 400 -23.74 -7.75 -18.09
N VAL B 401 -23.51 -9.04 -18.34
CA VAL B 401 -22.20 -9.63 -18.16
C VAL B 401 -21.17 -9.04 -19.13
N GLY B 402 -21.58 -8.89 -20.39
CA GLY B 402 -20.71 -8.35 -21.42
C GLY B 402 -20.33 -6.90 -21.20
N ASP B 403 -21.30 -6.07 -20.86
CA ASP B 403 -21.05 -4.64 -20.63
C ASP B 403 -20.19 -4.44 -19.40
N HIS B 404 -20.55 -5.11 -18.31
CA HIS B 404 -19.86 -4.99 -17.03
C HIS B 404 -18.39 -5.38 -17.11
N ASN B 405 -18.11 -6.51 -17.76
CA ASN B 405 -16.76 -7.08 -17.76
C ASN B 405 -15.89 -6.64 -18.94
N VAL B 406 -16.48 -6.35 -20.08
CA VAL B 406 -15.68 -6.08 -21.27
C VAL B 406 -15.96 -4.73 -21.95
N VAL B 407 -17.18 -4.57 -22.47
CA VAL B 407 -17.51 -3.42 -23.32
C VAL B 407 -17.26 -2.07 -22.65
N CYS B 408 -17.79 -1.90 -21.44
CA CYS B 408 -17.66 -0.62 -20.74
C CYS B 408 -16.25 -0.39 -20.18
N PRO B 409 -15.57 -1.42 -19.68
CA PRO B 409 -14.15 -1.18 -19.36
C PRO B 409 -13.33 -0.76 -20.58
N VAL B 410 -13.55 -1.39 -21.73
CA VAL B 410 -12.87 -1.04 -22.97
C VAL B 410 -13.23 0.39 -23.41
N ALA B 411 -14.50 0.74 -23.28
CA ALA B 411 -14.97 2.06 -23.70
C ALA B 411 -14.40 3.16 -22.80
N GLN B 412 -14.30 2.86 -21.51
CA GLN B 412 -13.68 3.78 -20.56
C GLN B 412 -12.20 4.05 -20.90
N LEU B 413 -11.45 2.98 -21.14
CA LEU B 413 -10.06 3.08 -21.59
C LEU B 413 -9.94 3.89 -22.89
N ALA B 414 -10.73 3.52 -23.89
CA ALA B 414 -10.69 4.19 -25.19
C ALA B 414 -10.98 5.67 -25.07
N GLY B 415 -11.95 6.00 -24.23
CA GLY B 415 -12.36 7.38 -24.03
C GLY B 415 -11.31 8.23 -23.35
N ARG B 416 -10.76 7.73 -22.25
CA ARG B 416 -9.76 8.48 -21.48
C ARG B 416 -8.45 8.61 -22.25
N LEU B 417 -8.03 7.52 -22.90
CA LEU B 417 -6.79 7.54 -23.67
C LEU B 417 -6.87 8.57 -24.80
N ALA B 418 -7.99 8.59 -25.50
CA ALA B 418 -8.19 9.51 -26.61
C ALA B 418 -8.20 10.96 -26.13
N ALA B 419 -8.85 11.19 -24.99
CA ALA B 419 -8.98 12.52 -24.43
C ALA B 419 -7.66 13.04 -23.87
N GLN B 420 -6.72 12.14 -23.62
CA GLN B 420 -5.47 12.53 -22.97
C GLN B 420 -4.24 12.29 -23.85
N GLY B 421 -4.41 12.40 -25.16
CA GLY B 421 -3.27 12.42 -26.07
C GLY B 421 -3.12 11.28 -27.06
N ALA B 422 -3.69 10.11 -26.73
CA ALA B 422 -3.49 8.94 -27.57
C ALA B 422 -4.38 8.96 -28.82
N ARG B 423 -3.89 8.37 -29.90
CA ARG B 423 -4.72 8.15 -31.07
C ARG B 423 -5.35 6.77 -30.99
N VAL B 424 -6.68 6.72 -31.02
CA VAL B 424 -7.40 5.49 -30.74
C VAL B 424 -8.26 5.04 -31.92
N TYR B 425 -8.24 3.75 -32.23
CA TYR B 425 -9.16 3.18 -33.20
C TYR B 425 -9.99 2.08 -32.54
N ALA B 426 -11.29 2.07 -32.83
CA ALA B 426 -12.21 1.15 -32.18
C ALA B 426 -13.01 0.34 -33.18
N TYR B 427 -13.24 -0.93 -32.88
CA TYR B 427 -14.03 -1.79 -33.75
C TYR B 427 -15.08 -2.56 -32.96
N VAL B 428 -16.09 -3.05 -33.66
CA VAL B 428 -16.94 -4.11 -33.14
C VAL B 428 -16.92 -5.26 -34.14
N PHE B 429 -16.52 -6.43 -33.68
CA PHE B 429 -16.45 -7.61 -34.55
C PHE B 429 -17.81 -8.29 -34.57
N GLU B 430 -18.41 -8.38 -35.76
CA GLU B 430 -19.80 -8.81 -35.87
C GLU B 430 -20.00 -10.03 -36.77
N HIS B 431 -18.92 -10.65 -37.23
CA HIS B 431 -19.05 -11.83 -38.06
C HIS B 431 -19.07 -13.11 -37.23
N ARG B 432 -20.07 -13.94 -37.48
CA ARG B 432 -20.15 -15.25 -36.86
C ARG B 432 -19.59 -16.31 -37.80
N ALA B 433 -18.49 -16.93 -37.41
CA ALA B 433 -17.79 -17.91 -38.24
C ALA B 433 -18.71 -19.05 -38.67
N SER B 434 -18.55 -19.50 -39.91
CA SER B 434 -19.36 -20.58 -40.45
C SER B 434 -19.07 -21.91 -39.75
N THR B 435 -17.93 -21.96 -39.08
CA THR B 435 -17.48 -23.20 -38.42
C THR B 435 -17.75 -23.19 -36.93
N LEU B 436 -18.37 -22.11 -36.45
CA LEU B 436 -18.65 -21.96 -35.01
C LEU B 436 -19.57 -23.07 -34.51
N SER B 437 -19.18 -23.70 -33.41
CA SER B 437 -19.90 -24.87 -32.90
C SER B 437 -20.82 -24.53 -31.73
N TRP B 438 -20.79 -23.27 -31.29
CA TRP B 438 -21.69 -22.80 -30.25
C TRP B 438 -23.07 -22.54 -30.84
N PRO B 439 -24.13 -22.60 -30.01
CA PRO B 439 -25.49 -22.37 -30.52
C PRO B 439 -25.68 -20.95 -31.10
N LEU B 440 -26.72 -20.78 -31.90
CA LEU B 440 -26.97 -19.51 -32.57
C LEU B 440 -27.27 -18.36 -31.61
N TRP B 441 -27.91 -18.65 -30.49
CA TRP B 441 -28.34 -17.59 -29.57
C TRP B 441 -27.15 -16.87 -28.93
N MET B 442 -25.98 -17.52 -28.95
CA MET B 442 -24.78 -16.91 -28.39
C MET B 442 -24.17 -15.87 -29.32
N GLY B 443 -24.67 -15.79 -30.55
CA GLY B 443 -24.21 -14.81 -31.51
C GLY B 443 -22.74 -14.95 -31.86
N VAL B 444 -22.02 -13.84 -31.75
CA VAL B 444 -20.57 -13.84 -31.93
C VAL B 444 -19.90 -13.78 -30.57
N PRO B 445 -19.55 -14.92 -30.01
CA PRO B 445 -18.98 -14.91 -28.69
C PRO B 445 -17.57 -14.44 -28.60
N HIS B 446 -17.22 -14.18 -27.39
CA HIS B 446 -15.95 -13.73 -27.02
C HIS B 446 -14.84 -14.70 -27.44
N GLY B 447 -13.79 -14.16 -28.05
CA GLY B 447 -12.66 -14.93 -28.53
C GLY B 447 -12.73 -15.47 -29.93
N TYR B 448 -13.82 -15.23 -30.60
CA TYR B 448 -14.01 -15.76 -31.93
C TYR B 448 -13.61 -14.88 -33.09
N GLU B 449 -12.99 -13.77 -32.79
CA GLU B 449 -12.43 -12.89 -33.81
C GLU B 449 -10.97 -13.26 -34.05
N ILE B 450 -10.37 -13.93 -33.06
CA ILE B 450 -8.94 -14.23 -33.06
C ILE B 450 -8.51 -15.04 -34.28
N GLU B 451 -9.26 -16.07 -34.61
CA GLU B 451 -8.93 -16.95 -35.72
C GLU B 451 -8.86 -16.20 -37.06
N PHE B 452 -9.64 -15.13 -37.18
CA PHE B 452 -9.63 -14.30 -38.39
C PHE B 452 -8.46 -13.33 -38.38
N ILE B 453 -8.09 -12.84 -37.21
CA ILE B 453 -6.95 -11.94 -37.07
C ILE B 453 -5.65 -12.68 -37.40
N PHE B 454 -5.58 -13.95 -37.01
CA PHE B 454 -4.39 -14.75 -37.25
C PHE B 454 -4.40 -15.42 -38.62
N GLY B 455 -5.50 -15.25 -39.35
CA GLY B 455 -5.59 -15.77 -40.72
C GLY B 455 -5.77 -17.26 -40.81
N ILE B 456 -6.29 -17.87 -39.74
CA ILE B 456 -6.57 -19.30 -39.71
C ILE B 456 -7.44 -19.83 -40.87
N PRO B 457 -8.43 -19.05 -41.36
CA PRO B 457 -9.17 -19.53 -42.53
C PRO B 457 -8.33 -19.84 -43.77
N LEU B 458 -7.11 -19.33 -43.83
CA LEU B 458 -6.24 -19.60 -44.97
C LEU B 458 -5.66 -21.02 -44.92
N ASP B 459 -5.77 -21.66 -43.76
CA ASP B 459 -5.35 -23.05 -43.60
C ASP B 459 -6.17 -23.95 -44.53
N PRO B 460 -5.51 -24.58 -45.51
CA PRO B 460 -6.21 -25.45 -46.48
C PRO B 460 -6.92 -26.61 -45.80
N SER B 461 -6.38 -27.05 -44.66
CA SER B 461 -6.93 -28.17 -43.92
C SER B 461 -8.31 -27.86 -43.34
N ARG B 462 -8.65 -26.58 -43.25
CA ARG B 462 -9.93 -26.17 -42.66
C ARG B 462 -10.93 -25.75 -43.72
N ASN B 463 -12.20 -25.61 -43.33
CA ASN B 463 -13.27 -25.42 -44.30
C ASN B 463 -14.04 -24.12 -44.13
N TYR B 464 -13.32 -23.01 -44.06
CA TYR B 464 -13.96 -21.70 -44.08
C TYR B 464 -14.40 -21.38 -45.51
N THR B 465 -15.34 -20.45 -45.65
CA THR B 465 -15.78 -20.03 -46.97
C THR B 465 -14.75 -19.13 -47.63
N ALA B 466 -14.89 -18.90 -48.92
CA ALA B 466 -13.98 -18.03 -49.65
C ALA B 466 -14.09 -16.59 -49.16
N GLU B 467 -15.30 -16.16 -48.84
CA GLU B 467 -15.51 -14.80 -48.32
C GLU B 467 -14.81 -14.61 -46.98
N GLU B 468 -14.84 -15.66 -46.17
CA GLU B 468 -14.20 -15.62 -44.85
C GLU B 468 -12.68 -15.51 -44.99
N LYS B 469 -12.15 -16.12 -46.04
CA LYS B 469 -10.72 -16.02 -46.32
C LYS B 469 -10.38 -14.59 -46.76
N ILE B 470 -11.27 -14.00 -47.55
CA ILE B 470 -11.15 -12.60 -47.95
C ILE B 470 -11.19 -11.71 -46.71
N PHE B 471 -12.16 -11.98 -45.85
CA PHE B 471 -12.34 -11.25 -44.60
C PHE B 471 -11.09 -11.32 -43.73
N ALA B 472 -10.58 -12.53 -43.54
CA ALA B 472 -9.37 -12.75 -42.74
C ALA B 472 -8.20 -11.95 -43.28
N GLN B 473 -8.03 -11.95 -44.59
CA GLN B 473 -6.96 -11.20 -45.24
C GLN B 473 -7.11 -9.69 -45.02
N ARG B 474 -8.34 -9.21 -45.01
CA ARG B 474 -8.61 -7.81 -44.78
C ARG B 474 -8.29 -7.42 -43.33
N LEU B 475 -8.62 -8.30 -42.39
CA LEU B 475 -8.35 -8.04 -40.98
C LEU B 475 -6.85 -8.08 -40.67
N MET B 476 -6.15 -9.03 -41.28
CA MET B 476 -4.70 -9.11 -41.12
C MET B 476 -4.05 -7.84 -41.63
N ARG B 477 -4.61 -7.27 -42.69
CA ARG B 477 -4.11 -6.03 -43.27
C ARG B 477 -4.28 -4.86 -42.31
N TYR B 478 -5.47 -4.74 -41.72
CA TYR B 478 -5.74 -3.69 -40.74
C TYR B 478 -4.74 -3.74 -39.59
N TRP B 479 -4.63 -4.91 -38.98
CA TRP B 479 -3.73 -5.12 -37.84
C TRP B 479 -2.28 -4.82 -38.17
N ALA B 480 -1.83 -5.29 -39.33
CA ALA B 480 -0.45 -5.08 -39.75
C ALA B 480 -0.18 -3.63 -40.12
N ASN B 481 -1.15 -3.00 -40.77
CA ASN B 481 -1.05 -1.57 -41.09
C ASN B 481 -0.89 -0.76 -39.81
N PHE B 482 -1.67 -1.12 -38.80
CA PHE B 482 -1.59 -0.46 -37.50
C PHE B 482 -0.23 -0.71 -36.85
N ALA B 483 0.28 -1.93 -36.97
CA ALA B 483 1.59 -2.26 -36.43
C ALA B 483 2.68 -1.42 -37.10
N ARG B 484 2.59 -1.28 -38.41
CA ARG B 484 3.59 -0.54 -39.17
C ARG B 484 3.51 0.96 -38.98
N THR B 485 2.29 1.52 -39.00
CA THR B 485 2.12 2.97 -39.05
C THR B 485 1.33 3.58 -37.90
N GLY B 486 0.68 2.73 -37.09
CA GLY B 486 -0.17 3.23 -36.02
C GLY B 486 -1.52 3.65 -36.57
N ASP B 487 -1.81 3.18 -37.78
CA ASP B 487 -3.04 3.53 -38.48
C ASP B 487 -3.47 2.35 -39.34
N PRO B 488 -4.65 1.78 -39.03
CA PRO B 488 -5.16 0.61 -39.74
C PRO B 488 -5.50 0.88 -41.20
N ASN B 489 -5.69 2.15 -41.55
CA ASN B 489 -6.01 2.51 -42.94
C ASN B 489 -4.79 2.37 -43.85
N GLU B 490 -5.02 2.03 -45.11
CA GLU B 490 -3.91 1.83 -46.05
C GLU B 490 -3.59 3.13 -46.78
N PRO B 491 -2.29 3.38 -47.04
CA PRO B 491 -1.82 4.66 -47.58
C PRO B 491 -2.45 5.09 -48.91
N PRO B 494 -6.89 3.59 -50.00
CA PRO B 494 -6.94 4.87 -50.71
C PRO B 494 -8.25 5.17 -51.49
N LYS B 495 -9.06 4.17 -51.83
CA LYS B 495 -10.38 4.44 -52.40
C LYS B 495 -11.44 3.74 -51.55
N ALA B 496 -10.98 3.09 -50.48
CA ALA B 496 -11.84 2.34 -49.58
C ALA B 496 -12.43 3.24 -48.49
N PRO B 497 -13.54 2.81 -47.86
CA PRO B 497 -14.05 3.57 -46.71
C PRO B 497 -13.04 3.64 -45.58
N GLN B 498 -12.93 4.79 -44.93
CA GLN B 498 -11.85 5.01 -43.96
C GLN B 498 -12.26 4.68 -42.52
N TRP B 499 -11.26 4.37 -41.71
CA TRP B 499 -11.43 4.07 -40.29
C TRP B 499 -11.11 5.33 -39.48
N PRO B 500 -12.14 6.05 -39.04
CA PRO B 500 -11.88 7.28 -38.28
C PRO B 500 -11.43 6.94 -36.87
N PRO B 501 -10.58 7.79 -36.28
CA PRO B 501 -10.17 7.60 -34.88
C PRO B 501 -11.34 7.68 -33.91
N TYR B 502 -11.19 7.03 -32.76
CA TYR B 502 -12.18 7.11 -31.69
C TYR B 502 -11.87 8.30 -30.80
N THR B 503 -12.88 9.13 -30.55
CA THR B 503 -12.73 10.26 -29.64
C THR B 503 -13.82 10.24 -28.59
N ALA B 504 -13.57 10.92 -27.47
CA ALA B 504 -14.51 10.91 -26.34
C ALA B 504 -15.86 11.53 -26.71
N GLY B 505 -15.84 12.44 -27.69
CA GLY B 505 -17.06 13.11 -28.11
C GLY B 505 -17.85 12.35 -29.16
N ALA B 506 -17.26 12.20 -30.34
CA ALA B 506 -17.93 11.53 -31.46
C ALA B 506 -18.08 10.03 -31.23
N GLN B 507 -17.12 9.46 -30.51
CA GLN B 507 -17.14 8.03 -30.15
C GLN B 507 -17.35 7.12 -31.34
N GLN B 508 -16.64 7.40 -32.43
CA GLN B 508 -16.79 6.63 -33.66
C GLN B 508 -15.98 5.33 -33.63
N TYR B 509 -16.60 4.27 -34.13
CA TYR B 509 -15.96 2.97 -34.28
C TYR B 509 -16.46 2.34 -35.57
N VAL B 510 -15.84 1.24 -35.99
CA VAL B 510 -16.29 0.57 -37.21
C VAL B 510 -16.75 -0.86 -36.95
N SER B 511 -17.62 -1.33 -37.83
CA SER B 511 -18.11 -2.70 -37.76
C SER B 511 -17.26 -3.60 -38.64
N LEU B 512 -16.73 -4.67 -38.07
CA LEU B 512 -15.93 -5.63 -38.82
C LEU B 512 -16.74 -6.87 -39.18
N ASP B 513 -17.07 -7.00 -40.46
CA ASP B 513 -17.84 -8.13 -40.97
C ASP B 513 -17.51 -8.32 -42.45
N LEU B 514 -18.25 -9.21 -43.13
CA LEU B 514 -18.02 -9.47 -44.54
C LEU B 514 -18.33 -8.24 -45.40
N ARG B 515 -19.27 -7.42 -44.94
CA ARG B 515 -19.58 -6.16 -45.58
C ARG B 515 -18.42 -5.18 -45.41
N PRO B 516 -18.36 -4.14 -46.27
CA PRO B 516 -17.36 -3.09 -46.07
C PRO B 516 -17.57 -2.37 -44.74
N LEU B 517 -16.59 -1.59 -44.33
CA LEU B 517 -16.65 -0.88 -43.06
C LEU B 517 -17.86 0.04 -42.97
N GLU B 518 -18.49 0.03 -41.81
CA GLU B 518 -19.60 0.93 -41.53
C GLU B 518 -19.31 1.67 -40.23
N VAL B 519 -19.26 3.00 -40.31
CA VAL B 519 -18.95 3.81 -39.14
C VAL B 519 -20.18 3.99 -38.25
N ARG B 520 -19.99 3.81 -36.95
CA ARG B 520 -21.07 3.95 -35.99
C ARG B 520 -20.61 4.79 -34.79
N ARG B 521 -21.56 5.25 -33.99
CA ARG B 521 -21.23 6.06 -32.82
C ARG B 521 -21.62 5.38 -31.51
N GLY B 522 -20.75 5.50 -30.52
CA GLY B 522 -21.05 5.05 -29.17
C GLY B 522 -20.89 3.56 -28.94
N LEU B 523 -19.98 3.21 -28.03
CA LEU B 523 -19.83 1.83 -27.59
C LEU B 523 -20.78 1.55 -26.44
N ARG B 524 -22.05 1.33 -26.77
CA ARG B 524 -23.12 1.19 -25.79
C ARG B 524 -23.08 2.32 -24.77
N ALA B 525 -23.18 3.55 -25.29
CA ALA B 525 -22.99 4.76 -24.50
C ALA B 525 -23.92 4.85 -23.30
N GLN B 526 -25.21 4.59 -23.52
CA GLN B 526 -26.20 4.65 -22.45
C GLN B 526 -25.90 3.65 -21.34
N ALA B 527 -25.56 2.43 -21.74
CA ALA B 527 -25.25 1.37 -20.80
C ALA B 527 -23.96 1.66 -20.02
N CYS B 528 -22.92 2.05 -20.76
CA CYS B 528 -21.61 2.24 -20.15
C CYS B 528 -21.55 3.50 -19.30
N ALA B 529 -22.48 4.42 -19.52
CA ALA B 529 -22.60 5.58 -18.64
C ALA B 529 -23.01 5.13 -17.25
N PHE B 530 -23.85 4.09 -17.19
CA PHE B 530 -24.25 3.52 -15.92
C PHE B 530 -23.08 2.85 -15.21
N TRP B 531 -22.33 2.03 -15.95
CA TRP B 531 -21.21 1.29 -15.36
C TRP B 531 -20.02 2.18 -15.03
N ASN B 532 -19.71 3.12 -15.91
CA ASN B 532 -18.49 3.92 -15.77
C ASN B 532 -18.67 5.21 -14.97
N ARG B 533 -19.88 5.77 -14.98
CA ARG B 533 -20.09 7.06 -14.33
C ARG B 533 -20.93 7.00 -13.06
N PHE B 534 -22.05 6.29 -13.10
CA PHE B 534 -22.96 6.29 -11.96
C PHE B 534 -22.65 5.22 -10.91
N LEU B 535 -22.57 3.96 -11.35
CA LEU B 535 -22.39 2.84 -10.42
C LEU B 535 -21.22 3.01 -9.43
N PRO B 536 -20.07 3.54 -9.89
CA PRO B 536 -19.02 3.77 -8.90
C PRO B 536 -19.44 4.72 -7.77
N LYS B 537 -20.23 5.73 -8.10
CA LYS B 537 -20.72 6.68 -7.10
C LYS B 537 -21.65 6.00 -6.11
N LEU B 538 -22.41 5.02 -6.60
CA LEU B 538 -23.35 4.30 -5.75
C LEU B 538 -22.62 3.38 -4.78
N LEU B 539 -21.52 2.80 -5.24
CA LEU B 539 -20.76 1.85 -4.44
C LEU B 539 -19.98 2.54 -3.32
N SER B 540 -19.79 3.85 -3.45
CA SER B 540 -19.10 4.62 -2.43
C SER B 540 -20.04 5.01 -1.29
N ALA B 541 -21.33 4.98 -1.56
CA ALA B 541 -22.34 5.31 -0.56
C ALA B 541 -23.35 4.17 -0.39
#